data_5JG4
#
_entry.id   5JG4
#
_cell.length_a   83.840
_cell.length_b   96.240
_cell.length_c   151.450
_cell.angle_alpha   90.00
_cell.angle_beta   90.00
_cell.angle_gamma   90.00
#
_symmetry.space_group_name_H-M   'P 21 21 21'
#
loop_
_entity.id
_entity.type
_entity.pdbx_description
1 polymer 'effector protein LpiR1'
2 non-polymer 'PHOSPHATE ION'
3 non-polymer 'CITRATE ANION'
4 non-polymer GLYCEROL
5 water water
#
_entity_poly.entity_id   1
_entity_poly.type   'polypeptide(L)'
_entity_poly.pdbx_seq_one_letter_code
;SNATFVLKEFDALKSHFNDTVKIILQREKKDKIEDLPNPRKEELQFLTAVLNQLEAKIDELKPRSLASYVHVFYGAMLLV
CKDVENNLRVMEKKENSLLFTRLMDGMGISDENIPTSEQNIMFYRGLNKFLNFIYESNDSRKGLKKEHFLQVLSLKKIYS
LAKLSYEQEEAAENNALAKLTADGKTKANANSFHVEKPIDSSIVEQFKSWDEMKGALHQLILDELSDKNVAKISALSQAR
SAQLKFLQTMAEQLDKIPNQSLEPSEKMAILAGAMYIVRGQIAQEYGKDPLSNDKISATVIHTGLSTILHANADCCEDKE
VLIAAANKFIRHMVIERPEQSNKKITKESVRENNMFSDIAGFQLISVLTLIQNMIKTCRTDAIEACVTKRKEELEALKPK
KEGYSIASSVTGYVGSWFKKAPSMSEEDEEDDLKDQNTAEETSKPTV
;
_entity_poly.pdbx_strand_id   A,B
#
loop_
_chem_comp.id
_chem_comp.type
_chem_comp.name
_chem_comp.formula
FLC non-polymer 'CITRATE ANION' 'C6 H5 O7 -3'
GOL non-polymer GLYCEROL 'C3 H8 O3'
PO4 non-polymer 'PHOSPHATE ION' 'O4 P -3'
#
# COMPACT_ATOMS: atom_id res chain seq x y z
N THR A 4 -15.22 -0.86 26.23
CA THR A 4 -14.37 -1.53 25.25
C THR A 4 -12.97 -1.74 25.82
N PHE A 5 -12.44 -2.96 25.65
CA PHE A 5 -11.23 -3.38 26.36
C PHE A 5 -10.02 -2.57 25.88
N VAL A 6 -9.37 -1.87 26.81
CA VAL A 6 -8.17 -1.11 26.54
C VAL A 6 -6.96 -1.91 27.02
N LEU A 7 -5.96 -2.04 26.17
CA LEU A 7 -4.78 -2.83 26.52
C LEU A 7 -3.88 -2.09 27.52
N LYS A 8 -3.14 -2.88 28.29
CA LYS A 8 -2.15 -2.35 29.21
C LYS A 8 -0.93 -1.85 28.45
N GLU A 9 -0.17 -0.95 29.09
CA GLU A 9 1.10 -0.52 28.53
C GLU A 9 2.18 -1.56 28.79
N PHE A 10 3.21 -1.53 27.94
CA PHE A 10 4.25 -2.55 28.00
C PHE A 10 4.92 -2.59 29.36
N ASP A 11 5.29 -1.42 29.89
CA ASP A 11 6.04 -1.40 31.15
C ASP A 11 5.16 -1.83 32.32
N ALA A 12 3.86 -1.57 32.24
CA ALA A 12 2.96 -2.07 33.28
C ALA A 12 2.94 -3.59 33.27
N LEU A 13 2.91 -4.19 32.08
CA LEU A 13 2.93 -5.65 31.98
C LEU A 13 4.27 -6.21 32.47
N LYS A 14 5.37 -5.51 32.18
CA LYS A 14 6.68 -5.99 32.62
C LYS A 14 6.79 -5.97 34.13
N SER A 15 6.47 -4.82 34.76
CA SER A 15 6.61 -4.72 36.20
C SER A 15 5.63 -5.64 36.91
N HIS A 16 4.40 -5.74 36.39
CA HIS A 16 3.43 -6.66 36.99
C HIS A 16 3.90 -8.10 36.88
N PHE A 17 4.55 -8.45 35.76
CA PHE A 17 5.01 -9.82 35.60
C PHE A 17 6.17 -10.14 36.54
N ASN A 18 7.11 -9.21 36.70
CA ASN A 18 8.21 -9.49 37.63
C ASN A 18 7.69 -9.59 39.06
N ASP A 19 6.69 -8.76 39.41
CA ASP A 19 6.01 -8.97 40.68
C ASP A 19 5.41 -10.36 40.76
N THR A 20 4.81 -10.83 39.67
CA THR A 20 4.21 -12.17 39.65
C THR A 20 5.26 -13.25 39.91
N VAL A 21 6.45 -13.11 39.32
CA VAL A 21 7.51 -14.07 39.58
C VAL A 21 7.87 -14.06 41.07
N LYS A 22 8.06 -12.87 41.64
CA LYS A 22 8.37 -12.83 43.07
C LYS A 22 7.28 -13.49 43.91
N ILE A 23 6.01 -13.20 43.58
CA ILE A 23 4.89 -13.75 44.36
C ILE A 23 4.90 -15.27 44.29
N ILE A 24 5.04 -15.82 43.09
CA ILE A 24 5.05 -17.28 42.96
C ILE A 24 6.24 -17.89 43.68
N LEU A 25 7.43 -17.27 43.56
CA LEU A 25 8.61 -17.83 44.21
C LEU A 25 8.46 -17.81 45.73
N GLN A 26 7.91 -16.72 46.29
CA GLN A 26 7.72 -16.67 47.73
C GLN A 26 6.60 -17.61 48.17
N ARG A 27 5.64 -17.87 47.29
CA ARG A 27 4.55 -18.78 47.62
C ARG A 27 5.02 -20.23 47.64
N GLU A 28 5.97 -20.58 46.77
CA GLU A 28 6.50 -21.92 46.72
C GLU A 28 7.79 -22.04 47.51
N LYS A 29 8.25 -20.95 48.11
CA LYS A 29 9.44 -20.97 48.96
C LYS A 29 10.67 -21.41 48.18
N LYS A 30 10.81 -20.90 46.96
CA LYS A 30 11.94 -21.15 46.10
C LYS A 30 12.66 -19.84 45.79
N ASP A 31 13.98 -19.94 45.58
CA ASP A 31 14.78 -18.75 45.30
C ASP A 31 14.88 -18.43 43.82
N LYS A 32 14.75 -19.43 42.95
CA LYS A 32 14.93 -19.24 41.53
C LYS A 32 13.85 -20.00 40.76
N ILE A 33 13.46 -19.44 39.61
CA ILE A 33 12.43 -20.07 38.80
C ILE A 33 12.77 -21.53 38.51
N GLU A 34 14.06 -21.81 38.29
CA GLU A 34 14.50 -23.16 37.96
C GLU A 34 14.27 -24.15 39.10
N ASP A 35 14.06 -23.66 40.32
CA ASP A 35 13.81 -24.56 41.44
C ASP A 35 12.34 -24.92 41.58
N LEU A 36 11.46 -24.29 40.81
CA LEU A 36 10.05 -24.59 40.88
C LEU A 36 9.76 -25.94 40.22
N PRO A 37 8.71 -26.62 40.65
CA PRO A 37 8.27 -27.84 39.95
C PRO A 37 7.57 -27.46 38.65
N ASN A 38 7.37 -28.47 37.81
CA ASN A 38 6.59 -28.28 36.59
C ASN A 38 5.11 -28.49 36.87
N PRO A 39 4.25 -27.84 36.09
CA PRO A 39 4.64 -27.05 34.92
C PRO A 39 4.86 -25.56 35.19
N ARG A 40 4.80 -25.15 36.46
CA ARG A 40 4.99 -23.73 36.77
C ARG A 40 6.36 -23.25 36.31
N LYS A 41 7.39 -24.10 36.47
CA LYS A 41 8.73 -23.69 36.11
C LYS A 41 8.83 -23.36 34.63
N GLU A 42 8.35 -24.26 33.78
CA GLU A 42 8.46 -24.06 32.34
C GLU A 42 7.56 -22.93 31.88
N GLU A 43 6.41 -22.73 32.53
CA GLU A 43 5.55 -21.61 32.19
C GLU A 43 6.23 -20.28 32.47
N LEU A 44 6.89 -20.15 33.63
CA LEU A 44 7.56 -18.90 33.96
C LEU A 44 8.86 -18.72 33.19
N GLN A 45 9.58 -19.81 32.90
CA GLN A 45 10.74 -19.71 32.03
C GLN A 45 10.34 -19.25 30.64
N PHE A 46 9.23 -19.79 30.12
CA PHE A 46 8.72 -19.35 28.83
C PHE A 46 8.40 -17.86 28.86
N LEU A 47 7.60 -17.43 29.83
CA LEU A 47 7.22 -16.02 29.88
C LEU A 47 8.45 -15.12 30.06
N THR A 48 9.45 -15.59 30.79
CA THR A 48 10.65 -14.78 31.00
C THR A 48 11.48 -14.69 29.73
N ALA A 49 11.60 -15.79 28.98
CA ALA A 49 12.32 -15.77 27.72
C ALA A 49 11.62 -14.85 26.72
N VAL A 50 10.28 -14.93 26.66
CA VAL A 50 9.54 -14.04 25.77
C VAL A 50 9.78 -12.59 26.16
N LEU A 51 9.63 -12.27 27.44
CA LEU A 51 9.83 -10.88 27.87
C LEU A 51 11.25 -10.40 27.57
N ASN A 52 12.25 -11.24 27.83
CA ASN A 52 13.63 -10.87 27.54
C ASN A 52 13.82 -10.59 26.05
N GLN A 53 13.32 -11.49 25.20
CA GLN A 53 13.46 -11.31 23.76
C GLN A 53 12.76 -10.03 23.30
N LEU A 54 11.58 -9.75 23.86
CA LEU A 54 10.88 -8.52 23.52
C LEU A 54 11.70 -7.30 23.91
N GLU A 55 12.30 -7.31 25.11
CA GLU A 55 13.11 -6.18 25.54
C GLU A 55 14.34 -6.01 24.65
N ALA A 56 15.03 -7.10 24.36
CA ALA A 56 16.19 -7.04 23.47
C ALA A 56 15.81 -6.48 22.11
N LYS A 57 14.65 -6.87 21.59
CA LYS A 57 14.22 -6.33 20.30
C LYS A 57 13.83 -4.87 20.42
N ILE A 58 13.37 -4.43 21.58
CA ILE A 58 13.03 -3.03 21.78
C ILE A 58 14.29 -2.17 21.78
N ASP A 59 15.36 -2.65 22.44
CA ASP A 59 16.62 -1.92 22.39
C ASP A 59 17.23 -1.97 20.99
N GLU A 60 17.24 -3.15 20.37
CA GLU A 60 17.87 -3.31 19.06
C GLU A 60 17.17 -2.47 17.99
N LEU A 61 15.84 -2.48 17.99
CA LEU A 61 15.07 -1.83 16.94
C LEU A 61 14.59 -0.44 17.30
N LYS A 62 14.57 -0.10 18.59
CA LYS A 62 14.10 1.20 19.09
C LYS A 62 12.85 1.64 18.34
N PRO A 63 11.76 0.88 18.44
CA PRO A 63 10.54 1.25 17.70
C PRO A 63 9.81 2.41 18.34
N ARG A 64 9.09 3.15 17.50
CA ARG A 64 8.33 4.30 17.97
C ARG A 64 7.06 3.89 18.70
N SER A 65 6.53 2.71 18.42
CA SER A 65 5.34 2.20 19.08
C SER A 65 5.63 0.80 19.61
N LEU A 66 5.01 0.48 20.75
CA LEU A 66 5.20 -0.81 21.39
C LEU A 66 3.97 -1.69 21.27
N ALA A 67 2.96 -1.28 20.48
CA ALA A 67 1.72 -2.04 20.39
C ALA A 67 1.98 -3.47 19.93
N SER A 68 2.93 -3.67 19.02
CA SER A 68 3.23 -5.01 18.53
C SER A 68 3.78 -5.89 19.65
N TYR A 69 4.71 -5.35 20.44
CA TYR A 69 5.27 -6.11 21.54
C TYR A 69 4.24 -6.37 22.62
N VAL A 70 3.36 -5.40 22.88
CA VAL A 70 2.25 -5.63 23.81
C VAL A 70 1.38 -6.79 23.31
N HIS A 71 1.11 -6.82 22.01
CA HIS A 71 0.35 -7.94 21.45
C HIS A 71 1.05 -9.26 21.72
N VAL A 72 2.35 -9.32 21.44
CA VAL A 72 3.08 -10.58 21.65
C VAL A 72 2.96 -11.02 23.10
N PHE A 73 3.18 -10.09 24.04
CA PHE A 73 3.18 -10.49 25.45
C PHE A 73 1.79 -10.92 25.91
N TYR A 74 0.74 -10.21 25.49
CA TYR A 74 -0.61 -10.68 25.77
C TYR A 74 -0.80 -12.11 25.29
N GLY A 75 -0.35 -12.38 24.06
CA GLY A 75 -0.47 -13.74 23.53
C GLY A 75 0.26 -14.77 24.37
N ALA A 76 1.50 -14.46 24.77
CA ALA A 76 2.28 -15.39 25.58
C ALA A 76 1.59 -15.65 26.93
N MET A 77 1.11 -14.60 27.59
CA MET A 77 0.49 -14.77 28.90
C MET A 77 -0.81 -15.55 28.81
N LEU A 78 -1.62 -15.28 27.78
CA LEU A 78 -2.83 -16.06 27.56
C LEU A 78 -2.50 -17.51 27.22
N LEU A 79 -1.40 -17.73 26.48
CA LEU A 79 -0.98 -19.10 26.20
C LEU A 79 -0.65 -19.84 27.48
N VAL A 80 0.09 -19.19 28.39
CA VAL A 80 0.39 -19.83 29.67
C VAL A 80 -0.88 -20.05 30.47
N CYS A 81 -1.84 -19.12 30.39
CA CYS A 81 -3.12 -19.35 31.07
C CYS A 81 -3.81 -20.61 30.54
N LYS A 82 -3.80 -20.80 29.22
CA LYS A 82 -4.38 -22.02 28.66
C LYS A 82 -3.61 -23.25 29.15
N ASP A 83 -2.28 -23.18 29.18
CA ASP A 83 -1.49 -24.30 29.67
C ASP A 83 -1.87 -24.63 31.12
N VAL A 84 -2.08 -23.60 31.95
CA VAL A 84 -2.50 -23.81 33.32
C VAL A 84 -3.85 -24.52 33.36
N GLU A 85 -4.81 -24.05 32.55
CA GLU A 85 -6.09 -24.73 32.50
C GLU A 85 -5.93 -26.19 32.10
N ASN A 86 -5.02 -26.47 31.17
CA ASN A 86 -4.82 -27.84 30.72
C ASN A 86 -4.12 -28.69 31.77
N ASN A 87 -3.49 -28.07 32.77
CA ASN A 87 -2.81 -28.83 33.81
C ASN A 87 -3.52 -28.73 35.16
N LEU A 88 -4.78 -28.31 35.19
CA LEU A 88 -5.48 -28.20 36.47
C LEU A 88 -5.91 -29.57 36.96
N ARG A 89 -5.96 -29.72 38.28
CA ARG A 89 -6.52 -30.93 38.86
C ARG A 89 -8.04 -30.90 38.75
N VAL A 90 -8.64 -32.09 38.65
CA VAL A 90 -10.09 -32.16 38.50
C VAL A 90 -10.74 -31.47 39.70
N MET A 91 -11.78 -30.69 39.43
CA MET A 91 -12.49 -29.92 40.44
C MET A 91 -11.82 -28.57 40.70
N GLU A 92 -10.52 -28.46 40.42
CA GLU A 92 -9.82 -27.19 40.66
C GLU A 92 -10.24 -26.18 39.61
N LYS A 93 -10.62 -24.98 40.05
CA LYS A 93 -11.03 -23.93 39.13
C LYS A 93 -9.84 -23.03 38.78
N LYS A 94 -9.80 -22.58 37.53
CA LYS A 94 -8.72 -21.71 37.09
C LYS A 94 -8.71 -20.41 37.88
N GLU A 95 -9.89 -19.90 38.25
CA GLU A 95 -9.96 -18.65 39.01
C GLU A 95 -9.38 -18.78 40.40
N ASN A 96 -8.90 -19.97 40.77
CA ASN A 96 -8.29 -20.21 42.06
C ASN A 96 -6.87 -20.78 41.86
N SER A 97 -6.21 -20.34 40.80
CA SER A 97 -4.80 -20.58 40.57
C SER A 97 -4.08 -19.25 40.68
N LEU A 98 -3.02 -19.21 41.48
CA LEU A 98 -2.35 -17.94 41.71
C LEU A 98 -1.70 -17.42 40.43
N LEU A 99 -1.03 -18.28 39.68
CA LEU A 99 -0.44 -17.84 38.41
C LEU A 99 -1.51 -17.39 37.44
N PHE A 100 -2.60 -18.15 37.33
CA PHE A 100 -3.64 -17.80 36.37
C PHE A 100 -4.24 -16.44 36.70
N THR A 101 -4.64 -16.24 37.95
CA THR A 101 -5.24 -14.96 38.33
C THR A 101 -4.23 -13.83 38.30
N ARG A 102 -2.94 -14.11 38.54
CA ARG A 102 -1.94 -13.05 38.47
C ARG A 102 -1.72 -12.61 37.02
N LEU A 103 -1.76 -13.56 36.09
CA LEU A 103 -1.63 -13.22 34.68
C LEU A 103 -2.86 -12.47 34.18
N MET A 104 -4.05 -12.99 34.47
CA MET A 104 -5.28 -12.30 34.08
C MET A 104 -5.32 -10.90 34.68
N ASP A 105 -4.96 -10.77 35.96
CA ASP A 105 -4.92 -9.46 36.60
C ASP A 105 -3.92 -8.53 35.92
N GLY A 106 -2.73 -9.04 35.60
CA GLY A 106 -1.74 -8.21 34.93
C GLY A 106 -2.18 -7.75 33.56
N MET A 107 -2.99 -8.55 32.87
CA MET A 107 -3.51 -8.13 31.58
C MET A 107 -4.73 -7.23 31.70
N GLY A 108 -5.31 -7.09 32.89
CA GLY A 108 -6.51 -6.30 33.02
C GLY A 108 -7.78 -7.00 32.64
N ILE A 109 -7.76 -8.32 32.52
CA ILE A 109 -8.92 -9.09 32.06
C ILE A 109 -9.72 -9.54 33.27
N SER A 110 -11.02 -9.28 33.25
CA SER A 110 -11.94 -9.76 34.26
C SER A 110 -13.23 -10.22 33.59
N ASP A 111 -14.19 -10.67 34.40
CA ASP A 111 -15.47 -11.06 33.83
C ASP A 111 -16.24 -9.88 33.27
N GLU A 112 -15.84 -8.65 33.60
CA GLU A 112 -16.47 -7.44 33.08
C GLU A 112 -15.63 -6.76 32.01
N ASN A 113 -14.37 -7.16 31.84
CA ASN A 113 -13.46 -6.51 30.89
C ASN A 113 -12.67 -7.62 30.18
N ILE A 114 -13.17 -8.04 29.03
CA ILE A 114 -12.55 -9.09 28.22
C ILE A 114 -12.14 -8.51 26.88
N PRO A 115 -11.02 -8.93 26.31
CA PRO A 115 -10.64 -8.43 24.97
C PRO A 115 -11.61 -8.92 23.90
N THR A 116 -11.64 -8.18 22.79
CA THR A 116 -12.52 -8.51 21.67
C THR A 116 -11.97 -9.70 20.89
N SER A 117 -12.79 -10.26 19.99
CA SER A 117 -12.30 -11.32 19.11
C SER A 117 -11.10 -10.82 18.30
N GLU A 118 -11.21 -9.62 17.74
CA GLU A 118 -10.10 -9.09 16.96
C GLU A 118 -8.84 -8.97 17.80
N GLN A 119 -8.99 -8.63 19.07
CA GLN A 119 -7.82 -8.50 19.93
C GLN A 119 -7.19 -9.86 20.23
N ASN A 120 -8.01 -10.88 20.51
CA ASN A 120 -7.45 -12.22 20.70
C ASN A 120 -6.70 -12.67 19.46
N ILE A 121 -7.30 -12.45 18.28
CA ILE A 121 -6.64 -12.84 17.05
C ILE A 121 -5.31 -12.12 16.90
N MET A 122 -5.28 -10.82 17.24
CA MET A 122 -4.01 -10.09 17.21
C MET A 122 -3.00 -10.69 18.18
N PHE A 123 -3.48 -11.08 19.37
CA PHE A 123 -2.57 -11.64 20.37
C PHE A 123 -1.87 -12.87 19.83
N TYR A 124 -2.66 -13.85 19.37
CA TYR A 124 -2.04 -15.12 18.99
C TYR A 124 -1.36 -15.05 17.63
N ARG A 125 -1.85 -14.23 16.71
CA ARG A 125 -1.14 -14.02 15.45
C ARG A 125 0.22 -13.36 15.70
N GLY A 126 0.23 -12.32 16.54
CA GLY A 126 1.49 -11.69 16.91
C GLY A 126 2.45 -12.67 17.58
N LEU A 127 1.96 -13.43 18.56
CA LEU A 127 2.81 -14.40 19.23
C LEU A 127 3.37 -15.42 18.25
N ASN A 128 2.51 -15.94 17.36
CA ASN A 128 2.94 -16.99 16.44
C ASN A 128 3.98 -16.47 15.45
N LYS A 129 3.82 -15.22 15.01
CA LYS A 129 4.88 -14.61 14.21
C LYS A 129 6.15 -14.46 15.03
N PHE A 130 6.01 -14.05 16.29
CA PHE A 130 7.16 -13.87 17.17
C PHE A 130 7.95 -15.16 17.34
N LEU A 131 7.25 -16.29 17.46
CA LEU A 131 7.93 -17.56 17.72
C LEU A 131 8.79 -18.02 16.56
N ASN A 132 8.62 -17.44 15.37
CA ASN A 132 9.50 -17.81 14.27
C ASN A 132 10.93 -17.36 14.49
N PHE A 133 11.19 -16.53 15.52
CA PHE A 133 12.55 -16.14 15.86
C PHE A 133 13.42 -17.30 16.28
N ILE A 134 12.84 -18.47 16.58
CA ILE A 134 13.66 -19.62 16.93
C ILE A 134 14.21 -20.32 15.71
N TYR A 135 13.74 -19.97 14.52
CA TYR A 135 14.17 -20.62 13.29
C TYR A 135 15.30 -19.82 12.64
N GLU A 136 16.22 -20.56 12.02
CA GLU A 136 17.28 -19.92 11.24
C GLU A 136 16.67 -19.06 10.15
N SER A 137 16.97 -17.76 10.18
CA SER A 137 16.43 -16.81 9.20
C SER A 137 14.92 -16.67 9.29
N ASN A 138 14.35 -16.98 10.46
CA ASN A 138 12.90 -16.95 10.68
C ASN A 138 12.16 -17.86 9.71
N ASP A 139 12.84 -18.86 9.17
CA ASP A 139 12.28 -19.80 8.20
C ASP A 139 12.49 -21.20 8.74
N SER A 140 11.40 -21.90 9.06
CA SER A 140 11.50 -23.23 9.64
C SER A 140 12.02 -24.26 8.64
N ARG A 141 12.03 -23.94 7.34
CA ARG A 141 12.70 -24.82 6.39
C ARG A 141 14.15 -25.07 6.77
N LYS A 142 14.78 -24.09 7.41
CA LYS A 142 16.19 -24.15 7.76
C LYS A 142 16.45 -24.73 9.15
N GLY A 143 15.40 -25.07 9.90
CA GLY A 143 15.57 -25.63 11.22
C GLY A 143 15.71 -24.59 12.31
N LEU A 144 15.84 -25.10 13.54
CA LEU A 144 16.03 -24.22 14.69
C LEU A 144 17.40 -23.56 14.65
N LYS A 145 17.45 -22.32 15.13
CA LYS A 145 18.72 -21.67 15.38
C LYS A 145 19.53 -22.50 16.36
N LYS A 146 20.85 -22.44 16.23
CA LYS A 146 21.70 -23.12 17.21
C LYS A 146 21.54 -22.51 18.59
N GLU A 147 21.43 -21.18 18.68
CA GLU A 147 21.10 -20.51 19.93
C GLU A 147 19.88 -19.63 19.68
N HIS A 148 18.74 -20.02 20.26
CA HIS A 148 17.49 -19.28 20.14
C HIS A 148 16.98 -18.88 21.52
N PHE A 149 16.09 -17.89 21.52
CA PHE A 149 15.66 -17.25 22.76
C PHE A 149 14.83 -18.15 23.67
N LEU A 150 14.44 -19.34 23.23
CA LEU A 150 13.72 -20.29 24.07
C LEU A 150 14.58 -21.47 24.47
N GLN A 151 15.90 -21.33 24.39
CA GLN A 151 16.80 -22.44 24.67
C GLN A 151 16.66 -22.99 26.09
N VAL A 152 16.13 -22.20 27.03
CA VAL A 152 15.95 -22.69 28.40
C VAL A 152 14.97 -23.85 28.45
N LEU A 153 14.02 -23.90 27.52
CA LEU A 153 13.00 -24.95 27.53
C LEU A 153 13.50 -26.19 26.80
N SER A 154 12.95 -27.34 27.19
CA SER A 154 13.22 -28.58 26.48
C SER A 154 12.51 -28.59 25.12
N LEU A 155 13.01 -29.42 24.21
CA LEU A 155 12.41 -29.54 22.89
C LEU A 155 10.95 -29.96 22.99
N LYS A 156 10.65 -30.90 23.90
CA LYS A 156 9.27 -31.34 24.06
C LYS A 156 8.37 -30.18 24.48
N LYS A 157 8.86 -29.35 25.40
CA LYS A 157 8.06 -28.22 25.86
C LYS A 157 7.90 -27.17 24.76
N ILE A 158 8.97 -26.88 24.03
CA ILE A 158 8.87 -25.94 22.92
C ILE A 158 7.80 -26.41 21.93
N TYR A 159 7.85 -27.68 21.57
CA TYR A 159 6.85 -28.23 20.66
C TYR A 159 5.44 -28.12 21.24
N SER A 160 5.28 -28.50 22.51
CA SER A 160 3.97 -28.47 23.14
C SER A 160 3.38 -27.06 23.17
N LEU A 161 4.21 -26.06 23.50
CA LEU A 161 3.72 -24.69 23.60
C LEU A 161 3.43 -24.10 22.22
N ALA A 162 4.30 -24.36 21.24
CA ALA A 162 4.04 -23.87 19.89
C ALA A 162 2.76 -24.48 19.32
N LYS A 163 2.63 -25.81 19.44
CA LYS A 163 1.40 -26.47 19.03
C LYS A 163 0.18 -25.85 19.69
N LEU A 164 0.23 -25.68 21.01
CA LEU A 164 -0.89 -25.06 21.72
C LEU A 164 -1.19 -23.67 21.17
N SER A 165 -0.16 -22.88 20.88
CA SER A 165 -0.38 -21.52 20.40
C SER A 165 -1.03 -21.52 19.02
N TYR A 166 -0.56 -22.38 18.10
CA TYR A 166 -1.20 -22.50 16.80
C TYR A 166 -2.67 -22.90 16.96
N GLU A 167 -2.95 -23.82 17.88
CA GLU A 167 -4.34 -24.19 18.14
C GLU A 167 -5.14 -23.00 18.66
N GLN A 168 -4.53 -22.16 19.50
CA GLN A 168 -5.26 -21.00 20.03
C GLN A 168 -5.59 -20.01 18.93
N GLU A 169 -4.64 -19.75 18.02
CA GLU A 169 -4.97 -18.87 16.90
C GLU A 169 -6.07 -19.49 16.04
N GLU A 170 -5.99 -20.79 15.79
CA GLU A 170 -7.04 -21.46 15.05
C GLU A 170 -8.41 -21.25 15.72
N ALA A 171 -8.47 -21.46 17.03
CA ALA A 171 -9.74 -21.34 17.75
C ALA A 171 -10.26 -19.90 17.69
N ALA A 172 -9.38 -18.93 17.81
CA ALA A 172 -9.82 -17.53 17.76
C ALA A 172 -10.35 -17.18 16.38
N GLU A 173 -9.60 -17.52 15.33
CA GLU A 173 -10.07 -17.26 13.97
C GLU A 173 -11.41 -17.94 13.72
N ASN A 174 -11.56 -19.19 14.15
CA ASN A 174 -12.83 -19.89 13.95
C ASN A 174 -13.96 -19.20 14.70
N ASN A 175 -13.70 -18.78 15.94
CA ASN A 175 -14.74 -18.07 16.69
C ASN A 175 -15.20 -16.83 15.95
N ALA A 176 -14.24 -16.04 15.44
CA ALA A 176 -14.62 -14.86 14.66
C ALA A 176 -15.45 -15.26 13.45
N LEU A 177 -15.06 -16.35 12.77
CA LEU A 177 -15.79 -16.77 11.57
C LEU A 177 -17.21 -17.18 11.90
N ALA A 178 -17.42 -17.83 13.04
CA ALA A 178 -18.75 -18.31 13.40
C ALA A 178 -19.69 -17.17 13.75
N LYS A 179 -19.18 -15.98 14.01
CA LYS A 179 -20.02 -14.84 14.37
C LYS A 179 -20.24 -13.88 13.20
N LEU A 180 -19.71 -14.19 12.02
CA LEU A 180 -20.01 -13.41 10.85
C LEU A 180 -21.44 -13.67 10.40
N THR A 181 -22.04 -12.66 9.78
CA THR A 181 -23.37 -12.80 9.18
C THR A 181 -23.26 -12.57 7.68
N ALA A 182 -24.17 -13.22 6.93
CA ALA A 182 -24.10 -13.21 5.48
C ALA A 182 -25.13 -12.23 4.90
N ASP A 183 -25.01 -10.98 5.35
CA ASP A 183 -25.90 -9.91 4.89
C ASP A 183 -25.14 -8.76 4.22
N GLY A 184 -23.86 -8.96 3.91
CA GLY A 184 -23.11 -7.93 3.21
C GLY A 184 -23.69 -7.64 1.84
N LYS A 185 -23.86 -6.37 1.51
CA LYS A 185 -24.54 -5.97 0.29
C LYS A 185 -23.61 -5.49 -0.81
N THR A 186 -22.35 -5.21 -0.49
CA THR A 186 -21.43 -4.70 -1.49
C THR A 186 -21.08 -5.77 -2.53
N LYS A 187 -20.53 -5.30 -3.64
CA LYS A 187 -20.11 -6.15 -4.74
C LYS A 187 -18.60 -6.35 -4.68
N ALA A 188 -18.16 -7.59 -4.85
CA ALA A 188 -16.73 -7.88 -4.80
C ALA A 188 -16.04 -7.36 -6.05
N ASN A 189 -14.76 -7.00 -5.89
CA ASN A 189 -13.93 -6.47 -6.97
C ASN A 189 -12.65 -7.30 -7.04
N ALA A 190 -12.64 -8.32 -7.90
CA ALA A 190 -11.45 -9.15 -8.02
C ALA A 190 -10.25 -8.36 -8.53
N ASN A 191 -10.50 -7.34 -9.36
CA ASN A 191 -9.40 -6.57 -9.92
C ASN A 191 -8.73 -5.65 -8.90
N SER A 192 -9.30 -5.52 -7.70
CA SER A 192 -8.67 -4.75 -6.65
C SER A 192 -7.90 -5.63 -5.67
N PHE A 193 -7.77 -6.92 -5.98
CA PHE A 193 -7.04 -7.82 -5.11
C PHE A 193 -5.55 -7.73 -5.43
N HIS A 194 -4.73 -7.64 -4.38
CA HIS A 194 -3.29 -7.57 -4.55
C HIS A 194 -2.61 -8.33 -3.43
N VAL A 195 -1.51 -8.97 -3.75
CA VAL A 195 -0.73 -9.73 -2.79
C VAL A 195 0.25 -8.79 -2.11
N GLU A 196 0.50 -9.02 -0.82
CA GLU A 196 1.43 -8.17 -0.08
C GLU A 196 2.87 -8.56 -0.40
N LYS A 197 3.18 -9.86 -0.35
CA LYS A 197 4.49 -10.38 -0.68
C LYS A 197 4.37 -11.37 -1.83
N PRO A 198 5.09 -11.18 -2.93
CA PRO A 198 4.99 -12.14 -4.03
C PRO A 198 5.40 -13.53 -3.59
N ILE A 199 4.76 -14.54 -4.17
CA ILE A 199 5.08 -15.91 -3.81
C ILE A 199 6.46 -16.27 -4.33
N ASP A 200 7.15 -17.11 -3.59
CA ASP A 200 8.42 -17.65 -4.05
C ASP A 200 8.18 -18.50 -5.30
N SER A 201 8.74 -18.06 -6.43
CA SER A 201 8.41 -18.67 -7.71
C SER A 201 8.75 -20.15 -7.73
N SER A 202 9.79 -20.56 -7.00
CA SER A 202 10.14 -21.97 -6.94
C SER A 202 9.00 -22.82 -6.39
N ILE A 203 8.17 -22.26 -5.50
CA ILE A 203 7.08 -23.02 -4.90
C ILE A 203 6.07 -23.44 -5.98
N VAL A 204 5.77 -22.55 -6.92
CA VAL A 204 4.77 -22.84 -7.94
C VAL A 204 5.39 -23.36 -9.22
N GLU A 205 6.73 -23.35 -9.33
CA GLU A 205 7.40 -23.95 -10.47
C GLU A 205 7.03 -25.42 -10.62
N GLN A 206 6.78 -26.12 -9.50
CA GLN A 206 6.39 -27.53 -9.59
C GLN A 206 5.11 -27.72 -10.39
N PHE A 207 4.26 -26.69 -10.49
CA PHE A 207 3.02 -26.76 -11.24
C PHE A 207 3.18 -26.36 -12.71
N LYS A 208 4.39 -25.95 -13.11
CA LYS A 208 4.74 -25.75 -14.52
C LYS A 208 4.24 -24.41 -15.06
N SER A 209 2.93 -24.21 -15.07
CA SER A 209 2.38 -22.94 -15.58
C SER A 209 0.89 -22.91 -15.27
N TRP A 210 0.32 -21.71 -15.41
CA TRP A 210 -1.10 -21.51 -15.16
C TRP A 210 -1.94 -22.32 -16.13
N ASP A 211 -1.63 -22.24 -17.43
CA ASP A 211 -2.36 -23.03 -18.41
C ASP A 211 -2.27 -24.51 -18.10
N GLU A 212 -1.11 -24.99 -17.66
CA GLU A 212 -0.98 -26.42 -17.39
C GLU A 212 -1.73 -26.82 -16.13
N MET A 213 -1.82 -25.94 -15.13
CA MET A 213 -2.65 -26.22 -13.97
C MET A 213 -4.12 -26.34 -14.36
N LYS A 214 -4.61 -25.37 -15.12
CA LYS A 214 -5.99 -25.44 -15.60
C LYS A 214 -6.22 -26.70 -16.41
N GLY A 215 -5.27 -27.04 -17.28
CA GLY A 215 -5.38 -28.26 -18.05
C GLY A 215 -5.43 -29.50 -17.19
N ALA A 216 -4.61 -29.56 -16.14
CA ALA A 216 -4.60 -30.73 -15.27
C ALA A 216 -5.92 -30.85 -14.53
N LEU A 217 -6.46 -29.73 -14.05
CA LEU A 217 -7.76 -29.75 -13.41
C LEU A 217 -8.83 -30.24 -14.38
N HIS A 218 -8.78 -29.76 -15.63
CA HIS A 218 -9.76 -30.17 -16.62
C HIS A 218 -9.67 -31.66 -16.93
N GLN A 219 -8.46 -32.18 -17.10
CA GLN A 219 -8.33 -33.62 -17.35
C GLN A 219 -8.82 -34.42 -16.15
N LEU A 220 -8.60 -33.91 -14.94
CA LEU A 220 -9.11 -34.60 -13.76
C LEU A 220 -10.64 -34.60 -13.76
N ILE A 221 -11.26 -33.50 -14.14
CA ILE A 221 -12.72 -33.45 -14.21
C ILE A 221 -13.25 -34.39 -15.29
N LEU A 222 -12.62 -34.41 -16.46
CA LEU A 222 -13.00 -35.39 -17.49
C LEU A 222 -12.88 -36.81 -16.97
N ASP A 223 -11.78 -37.12 -16.28
CA ASP A 223 -11.60 -38.44 -15.69
C ASP A 223 -12.74 -38.77 -14.74
N GLU A 224 -13.08 -37.82 -13.84
CA GLU A 224 -14.17 -38.04 -12.90
C GLU A 224 -15.48 -38.29 -13.63
N LEU A 225 -15.82 -37.43 -14.60
CA LEU A 225 -17.10 -37.58 -15.30
C LEU A 225 -17.18 -38.91 -16.02
N SER A 226 -16.10 -39.33 -16.68
CA SER A 226 -16.11 -40.60 -17.38
C SER A 226 -16.20 -41.77 -16.42
N ASP A 227 -15.44 -41.73 -15.32
CA ASP A 227 -15.48 -42.81 -14.35
C ASP A 227 -16.87 -42.95 -13.73
N LYS A 228 -17.54 -41.82 -13.47
CA LYS A 228 -18.87 -41.84 -12.86
C LYS A 228 -19.99 -41.93 -13.89
N ASN A 229 -19.68 -42.04 -15.18
CA ASN A 229 -20.69 -42.18 -16.24
C ASN A 229 -21.73 -41.06 -16.20
N VAL A 230 -21.26 -39.82 -16.16
CA VAL A 230 -22.15 -38.66 -16.22
C VAL A 230 -21.54 -37.61 -17.12
N ALA A 231 -22.37 -36.68 -17.56
CA ALA A 231 -21.98 -35.66 -18.52
C ALA A 231 -21.56 -34.35 -17.86
N LYS A 232 -21.95 -34.09 -16.62
CA LYS A 232 -21.73 -32.80 -16.01
C LYS A 232 -21.48 -32.96 -14.51
N ILE A 233 -20.69 -32.04 -13.96
CA ILE A 233 -20.35 -32.04 -12.55
C ILE A 233 -21.61 -32.10 -11.68
N SER A 234 -22.69 -31.45 -12.13
CA SER A 234 -23.90 -31.38 -11.31
C SER A 234 -24.61 -32.72 -11.15
N ALA A 235 -24.20 -33.74 -11.89
CA ALA A 235 -24.75 -35.08 -11.70
C ALA A 235 -24.02 -35.89 -10.63
N LEU A 236 -22.91 -35.36 -10.09
CA LEU A 236 -22.22 -35.96 -8.96
C LEU A 236 -22.95 -35.67 -7.66
N SER A 237 -22.43 -36.21 -6.56
CA SER A 237 -23.02 -35.96 -5.25
C SER A 237 -22.94 -34.49 -4.89
N GLN A 238 -23.75 -34.09 -3.91
CA GLN A 238 -23.75 -32.69 -3.47
C GLN A 238 -22.34 -32.27 -3.03
N ALA A 239 -21.68 -33.10 -2.21
CA ALA A 239 -20.35 -32.77 -1.74
C ALA A 239 -19.36 -32.65 -2.90
N ARG A 240 -19.31 -33.66 -3.77
CA ARG A 240 -18.32 -33.67 -4.83
C ARG A 240 -18.65 -32.63 -5.90
N SER A 241 -19.93 -32.46 -6.20
CA SER A 241 -20.34 -31.40 -7.12
C SER A 241 -19.93 -30.03 -6.58
N ALA A 242 -20.20 -29.77 -5.30
CA ALA A 242 -19.82 -28.49 -4.72
C ALA A 242 -18.30 -28.30 -4.76
N GLN A 243 -17.54 -29.36 -4.47
CA GLN A 243 -16.08 -29.24 -4.48
C GLN A 243 -15.56 -28.89 -5.88
N LEU A 244 -16.05 -29.61 -6.90
CA LEU A 244 -15.53 -29.36 -8.24
C LEU A 244 -16.00 -28.03 -8.79
N LYS A 245 -17.25 -27.64 -8.51
CA LYS A 245 -17.69 -26.32 -8.93
C LYS A 245 -16.91 -25.24 -8.19
N PHE A 246 -16.51 -25.51 -6.95
CA PHE A 246 -15.66 -24.59 -6.22
C PHE A 246 -14.34 -24.39 -6.96
N LEU A 247 -13.70 -25.48 -7.38
CA LEU A 247 -12.46 -25.34 -8.13
C LEU A 247 -12.68 -24.61 -9.47
N GLN A 248 -13.74 -24.96 -10.19
CA GLN A 248 -14.05 -24.28 -11.44
C GLN A 248 -14.20 -22.78 -11.23
N THR A 249 -15.00 -22.41 -10.22
CA THR A 249 -15.28 -21.00 -9.96
C THR A 249 -14.00 -20.24 -9.60
N MET A 250 -13.16 -20.85 -8.78
CA MET A 250 -11.87 -20.23 -8.47
C MET A 250 -11.05 -20.01 -9.74
N ALA A 251 -10.90 -21.05 -10.57
CA ALA A 251 -10.06 -20.94 -11.75
C ALA A 251 -10.58 -19.88 -12.71
N GLU A 252 -11.89 -19.84 -12.93
CA GLU A 252 -12.43 -18.88 -13.89
C GLU A 252 -12.35 -17.46 -13.36
N GLN A 253 -12.67 -17.26 -12.06
CA GLN A 253 -12.52 -15.95 -11.47
C GLN A 253 -11.09 -15.46 -11.59
N LEU A 254 -10.12 -16.34 -11.34
CA LEU A 254 -8.73 -15.94 -11.51
C LEU A 254 -8.40 -15.65 -12.97
N ASP A 255 -8.98 -16.42 -13.89
CA ASP A 255 -8.74 -16.19 -15.31
C ASP A 255 -9.21 -14.81 -15.75
N LYS A 256 -10.24 -14.27 -15.09
CA LYS A 256 -10.74 -12.96 -15.51
C LYS A 256 -9.80 -11.81 -15.11
N ILE A 257 -8.87 -12.03 -14.20
CA ILE A 257 -8.06 -10.93 -13.67
C ILE A 257 -6.87 -10.68 -14.59
N PRO A 258 -6.62 -9.44 -14.99
CA PRO A 258 -5.45 -9.16 -15.84
C PRO A 258 -4.15 -9.40 -15.08
N ASN A 259 -3.15 -9.92 -15.81
CA ASN A 259 -1.89 -10.29 -15.19
C ASN A 259 -1.22 -9.12 -14.48
N GLN A 260 -1.41 -7.90 -14.98
CA GLN A 260 -0.80 -6.74 -14.33
C GLN A 260 -1.30 -6.59 -12.90
N SER A 261 -2.52 -7.04 -12.63
CA SER A 261 -3.08 -6.92 -11.29
C SER A 261 -2.84 -8.17 -10.44
N LEU A 262 -2.71 -9.33 -11.06
CA LEU A 262 -2.44 -10.58 -10.34
C LEU A 262 -1.68 -11.50 -11.29
N GLU A 263 -0.39 -11.70 -11.01
CA GLU A 263 0.47 -12.44 -11.90
C GLU A 263 0.07 -13.93 -11.94
N PRO A 264 0.38 -14.61 -13.04
CA PRO A 264 0.06 -16.06 -13.13
C PRO A 264 0.60 -16.88 -11.97
N SER A 265 1.79 -16.58 -11.46
CA SER A 265 2.31 -17.33 -10.31
C SER A 265 1.36 -17.25 -9.12
N GLU A 266 0.79 -16.07 -8.88
CA GLU A 266 -0.16 -15.91 -7.78
C GLU A 266 -1.43 -16.70 -8.02
N LYS A 267 -1.93 -16.68 -9.26
CA LYS A 267 -3.10 -17.49 -9.59
C LYS A 267 -2.83 -18.95 -9.35
N MET A 268 -1.64 -19.43 -9.75
CA MET A 268 -1.26 -20.80 -9.50
C MET A 268 -1.27 -21.12 -8.02
N ALA A 269 -0.72 -20.22 -7.20
CA ALA A 269 -0.72 -20.47 -5.76
C ALA A 269 -2.13 -20.56 -5.20
N ILE A 270 -3.01 -19.66 -5.64
CA ILE A 270 -4.38 -19.63 -5.13
C ILE A 270 -5.12 -20.91 -5.51
N LEU A 271 -5.02 -21.32 -6.77
CA LEU A 271 -5.68 -22.53 -7.20
C LEU A 271 -5.10 -23.76 -6.51
N ALA A 272 -3.78 -23.76 -6.27
CA ALA A 272 -3.18 -24.87 -5.54
C ALA A 272 -3.73 -24.97 -4.12
N GLY A 273 -3.85 -23.84 -3.43
CA GLY A 273 -4.47 -23.85 -2.11
C GLY A 273 -5.90 -24.37 -2.16
N ALA A 274 -6.68 -23.92 -3.14
CA ALA A 274 -8.05 -24.40 -3.29
C ALA A 274 -8.08 -25.91 -3.48
N MET A 275 -7.14 -26.44 -4.27
CA MET A 275 -7.04 -27.88 -4.46
C MET A 275 -6.73 -28.58 -3.15
N TYR A 276 -5.86 -27.99 -2.33
CA TYR A 276 -5.60 -28.57 -1.02
C TYR A 276 -6.86 -28.59 -0.17
N ILE A 277 -7.70 -27.56 -0.30
CA ILE A 277 -8.94 -27.51 0.46
C ILE A 277 -9.85 -28.68 0.08
N VAL A 278 -10.10 -28.83 -1.22
CA VAL A 278 -10.96 -29.94 -1.67
C VAL A 278 -10.39 -31.28 -1.24
N ARG A 279 -9.07 -31.45 -1.41
CA ARG A 279 -8.40 -32.68 -1.00
C ARG A 279 -8.63 -32.96 0.48
N GLY A 280 -8.54 -31.94 1.33
CA GLY A 280 -8.77 -32.13 2.75
C GLY A 280 -10.21 -32.51 3.06
N GLN A 281 -11.16 -31.89 2.35
CA GLN A 281 -12.57 -32.24 2.55
C GLN A 281 -12.81 -33.72 2.25
N ILE A 282 -12.25 -34.21 1.14
CA ILE A 282 -12.48 -35.61 0.79
C ILE A 282 -11.80 -36.52 1.82
N ALA A 283 -10.56 -36.20 2.19
CA ALA A 283 -9.88 -36.96 3.22
C ALA A 283 -10.74 -37.07 4.46
N GLN A 284 -11.43 -35.97 4.82
CA GLN A 284 -12.33 -36.04 5.97
C GLN A 284 -13.48 -37.00 5.70
N GLU A 285 -13.98 -37.04 4.45
CA GLU A 285 -14.97 -38.05 4.14
C GLU A 285 -14.47 -39.47 4.42
N TYR A 286 -13.15 -39.67 4.41
CA TYR A 286 -12.64 -41.00 4.74
C TYR A 286 -12.11 -41.11 6.16
N GLY A 287 -12.46 -40.18 7.03
CA GLY A 287 -11.98 -40.25 8.41
C GLY A 287 -10.51 -40.01 8.57
N LYS A 288 -9.87 -39.31 7.63
CA LYS A 288 -8.45 -39.01 7.70
C LYS A 288 -8.26 -37.52 7.90
N ASP A 289 -7.08 -37.15 8.39
CA ASP A 289 -6.77 -35.75 8.55
C ASP A 289 -6.73 -35.05 7.19
N PRO A 290 -7.19 -33.79 7.12
CA PRO A 290 -7.21 -33.10 5.82
C PRO A 290 -5.89 -33.18 5.06
N LEU A 291 -4.76 -33.12 5.75
CA LEU A 291 -3.46 -33.10 5.11
C LEU A 291 -2.78 -34.46 5.11
N SER A 292 -3.53 -35.54 5.38
CA SER A 292 -2.95 -36.87 5.31
C SER A 292 -2.32 -37.12 3.95
N ASN A 293 -1.21 -37.86 3.95
CA ASN A 293 -0.56 -38.28 2.72
C ASN A 293 -0.91 -39.70 2.33
N ASP A 294 -1.85 -40.33 3.04
CA ASP A 294 -2.34 -41.63 2.62
C ASP A 294 -2.90 -41.56 1.21
N LYS A 295 -2.70 -42.62 0.44
CA LYS A 295 -3.42 -42.79 -0.80
C LYS A 295 -4.83 -43.29 -0.50
N ILE A 296 -5.83 -42.58 -1.01
CA ILE A 296 -7.21 -43.02 -0.87
C ILE A 296 -7.67 -43.46 -2.24
N SER A 297 -7.46 -44.74 -2.55
CA SER A 297 -7.68 -45.22 -3.91
C SER A 297 -9.14 -45.11 -4.34
N ALA A 298 -10.07 -45.17 -3.39
CA ALA A 298 -11.49 -45.18 -3.73
C ALA A 298 -12.00 -43.86 -4.28
N THR A 299 -11.24 -42.76 -4.20
CA THR A 299 -11.69 -41.47 -4.70
C THR A 299 -10.78 -40.97 -5.81
N VAL A 300 -11.37 -40.77 -6.99
CA VAL A 300 -10.63 -40.25 -8.14
C VAL A 300 -10.12 -38.84 -7.87
N ILE A 301 -10.95 -37.99 -7.27
CA ILE A 301 -10.60 -36.58 -7.11
C ILE A 301 -9.46 -36.41 -6.10
N HIS A 302 -9.53 -37.10 -4.95
CA HIS A 302 -8.44 -36.98 -3.99
C HIS A 302 -7.12 -37.46 -4.58
N THR A 303 -7.14 -38.59 -5.28
CA THR A 303 -5.92 -39.12 -5.88
C THR A 303 -5.37 -38.17 -6.94
N GLY A 304 -6.25 -37.64 -7.80
CA GLY A 304 -5.80 -36.77 -8.86
C GLY A 304 -5.26 -35.45 -8.34
N LEU A 305 -5.93 -34.86 -7.35
CA LEU A 305 -5.44 -33.62 -6.75
C LEU A 305 -4.12 -33.87 -6.04
N SER A 306 -4.00 -35.01 -5.35
CA SER A 306 -2.73 -35.34 -4.72
C SER A 306 -1.62 -35.41 -5.76
N THR A 307 -1.92 -35.95 -6.95
CA THR A 307 -0.90 -36.03 -8.00
C THR A 307 -0.55 -34.65 -8.55
N ILE A 308 -1.56 -33.85 -8.86
CA ILE A 308 -1.32 -32.51 -9.40
C ILE A 308 -0.50 -31.67 -8.42
N LEU A 309 -0.83 -31.75 -7.13
CA LEU A 309 -0.17 -30.94 -6.11
C LEU A 309 1.21 -31.45 -5.76
N HIS A 310 1.56 -32.68 -6.12
CA HIS A 310 2.77 -33.32 -5.59
C HIS A 310 2.70 -33.32 -4.06
N ALA A 311 1.53 -33.63 -3.52
CA ALA A 311 1.28 -33.43 -2.10
C ALA A 311 2.18 -34.31 -1.24
N ASN A 312 2.45 -35.54 -1.68
CA ASN A 312 3.25 -36.44 -0.87
C ASN A 312 4.69 -35.98 -0.74
N ALA A 313 5.20 -35.23 -1.72
CA ALA A 313 6.60 -34.83 -1.75
C ALA A 313 6.83 -33.41 -1.25
N ASP A 314 5.79 -32.61 -1.06
CA ASP A 314 5.98 -31.20 -0.79
C ASP A 314 6.04 -30.97 0.72
N CYS A 315 6.81 -29.97 1.12
CA CYS A 315 6.99 -29.73 2.55
C CYS A 315 5.80 -28.94 3.11
N CYS A 316 5.61 -29.08 4.42
CA CYS A 316 4.47 -28.42 5.06
C CYS A 316 4.50 -26.91 4.88
N GLU A 317 5.69 -26.31 4.79
CA GLU A 317 5.77 -24.86 4.64
C GLU A 317 5.18 -24.40 3.31
N ASP A 318 5.51 -25.10 2.22
CA ASP A 318 4.91 -24.78 0.93
C ASP A 318 3.39 -24.91 0.99
N LYS A 319 2.90 -25.99 1.62
CA LYS A 319 1.47 -26.18 1.73
C LYS A 319 0.82 -25.03 2.46
N GLU A 320 1.44 -24.58 3.57
CA GLU A 320 0.91 -23.43 4.28
C GLU A 320 0.86 -22.20 3.41
N VAL A 321 1.92 -21.96 2.62
CA VAL A 321 1.92 -20.76 1.77
C VAL A 321 0.79 -20.82 0.75
N LEU A 322 0.59 -21.98 0.12
CA LEU A 322 -0.44 -22.10 -0.90
C LEU A 322 -1.83 -21.95 -0.29
N ILE A 323 -2.06 -22.61 0.85
CA ILE A 323 -3.37 -22.54 1.49
C ILE A 323 -3.65 -21.12 1.95
N ALA A 324 -2.63 -20.44 2.49
CA ALA A 324 -2.82 -19.06 2.93
C ALA A 324 -3.11 -18.13 1.75
N ALA A 325 -2.46 -18.38 0.60
CA ALA A 325 -2.77 -17.59 -0.58
C ALA A 325 -4.23 -17.75 -0.97
N ALA A 326 -4.72 -18.99 -1.01
CA ALA A 326 -6.13 -19.20 -1.30
C ALA A 326 -7.01 -18.49 -0.27
N ASN A 327 -6.65 -18.59 1.00
CA ASN A 327 -7.41 -17.96 2.06
C ASN A 327 -7.54 -16.45 1.80
N LYS A 328 -6.43 -15.81 1.45
CA LYS A 328 -6.44 -14.38 1.22
C LYS A 328 -7.38 -14.02 0.08
N PHE A 329 -7.28 -14.75 -1.05
CA PHE A 329 -8.13 -14.42 -2.18
C PHE A 329 -9.61 -14.64 -1.85
N ILE A 330 -9.93 -15.80 -1.25
CA ILE A 330 -11.32 -16.09 -0.91
C ILE A 330 -11.89 -15.01 0.01
N ARG A 331 -11.13 -14.65 1.04
CA ARG A 331 -11.60 -13.62 1.96
C ARG A 331 -11.83 -12.30 1.24
N HIS A 332 -10.89 -11.90 0.37
CA HIS A 332 -11.11 -10.69 -0.41
C HIS A 332 -12.41 -10.77 -1.19
N MET A 333 -12.78 -11.95 -1.68
CA MET A 333 -13.96 -12.04 -2.53
C MET A 333 -15.26 -12.18 -1.77
N VAL A 334 -15.26 -12.76 -0.56
CA VAL A 334 -16.50 -13.05 0.15
C VAL A 334 -16.69 -12.25 1.42
N ILE A 335 -15.64 -11.63 1.96
CA ILE A 335 -15.75 -10.83 3.18
C ILE A 335 -15.71 -9.36 2.80
N GLU A 336 -16.77 -8.62 3.13
CA GLU A 336 -16.74 -7.17 3.02
C GLU A 336 -16.31 -6.61 4.35
N ARG A 337 -15.39 -5.66 4.34
CA ARG A 337 -14.85 -5.04 5.54
C ARG A 337 -14.83 -3.53 5.40
N PRO A 338 -14.83 -2.81 6.52
CA PRO A 338 -14.84 -1.34 6.46
C PRO A 338 -13.60 -0.81 5.74
N GLU A 339 -13.83 0.13 4.84
CA GLU A 339 -12.79 0.72 4.02
C GLU A 339 -12.11 1.87 4.76
N GLN A 340 -10.91 2.23 4.29
CA GLN A 340 -10.16 3.30 4.94
C GLN A 340 -10.63 4.68 4.48
N SER A 341 -10.84 4.85 3.19
CA SER A 341 -11.35 6.10 2.64
C SER A 341 -12.87 6.21 2.69
N ASN A 342 -13.55 5.17 3.17
CA ASN A 342 -15.00 5.09 3.07
C ASN A 342 -15.64 5.00 4.44
N LYS A 343 -16.97 5.20 4.44
CA LYS A 343 -17.81 4.96 5.61
C LYS A 343 -19.11 4.27 5.21
N LYS A 344 -19.11 3.55 4.08
CA LYS A 344 -20.31 2.88 3.58
C LYS A 344 -20.42 1.44 4.07
N ILE A 345 -19.50 1.01 4.93
CA ILE A 345 -19.54 -0.31 5.54
C ILE A 345 -19.22 -0.13 7.02
N THR A 346 -19.96 -0.82 7.88
CA THR A 346 -19.90 -0.60 9.31
C THR A 346 -19.17 -1.72 10.04
N LYS A 347 -19.49 -2.97 9.73
CA LYS A 347 -18.83 -4.12 10.34
C LYS A 347 -18.44 -5.10 9.26
N GLU A 348 -17.68 -6.11 9.66
CA GLU A 348 -17.17 -7.13 8.75
C GLU A 348 -18.21 -8.23 8.60
N SER A 349 -18.52 -8.59 7.35
CA SER A 349 -19.54 -9.59 7.10
C SER A 349 -19.26 -10.32 5.79
N VAL A 350 -20.00 -11.41 5.59
CA VAL A 350 -19.96 -12.19 4.36
C VAL A 350 -20.93 -11.58 3.36
N ARG A 351 -20.49 -11.44 2.11
CA ARG A 351 -21.37 -10.89 1.08
C ARG A 351 -22.54 -11.82 0.83
N GLU A 352 -23.75 -11.25 0.85
CA GLU A 352 -24.94 -12.04 0.58
C GLU A 352 -24.89 -12.67 -0.80
N ASN A 353 -24.27 -11.98 -1.76
CA ASN A 353 -24.04 -12.51 -3.10
C ASN A 353 -22.54 -12.46 -3.38
N ASN A 354 -21.91 -13.63 -3.44
CA ASN A 354 -20.48 -13.76 -3.72
C ASN A 354 -20.29 -14.84 -4.78
N MET A 355 -19.02 -15.09 -5.13
CA MET A 355 -18.72 -15.96 -6.26
C MET A 355 -19.13 -17.41 -6.05
N PHE A 356 -19.48 -17.80 -4.83
CA PHE A 356 -19.90 -19.18 -4.56
C PHE A 356 -21.40 -19.31 -4.33
N SER A 357 -22.15 -18.22 -4.46
CA SER A 357 -23.55 -18.22 -4.06
C SER A 357 -24.38 -19.22 -4.86
N ASP A 358 -24.01 -19.47 -6.11
CA ASP A 358 -24.78 -20.36 -6.98
C ASP A 358 -24.34 -21.81 -6.89
N ILE A 359 -23.53 -22.17 -5.90
CA ILE A 359 -23.09 -23.55 -5.72
C ILE A 359 -23.98 -24.19 -4.67
N ALA A 360 -24.82 -25.13 -5.09
CA ALA A 360 -25.79 -25.73 -4.19
C ALA A 360 -25.10 -26.43 -3.02
N GLY A 361 -25.50 -26.06 -1.81
CA GLY A 361 -24.98 -26.70 -0.61
C GLY A 361 -23.60 -26.26 -0.17
N PHE A 362 -22.96 -25.34 -0.89
CA PHE A 362 -21.63 -24.87 -0.51
C PHE A 362 -21.66 -24.31 0.91
N GLN A 363 -20.65 -24.67 1.71
CA GLN A 363 -20.55 -24.25 3.11
C GLN A 363 -19.32 -23.35 3.24
N LEU A 364 -19.53 -22.05 3.04
CA LEU A 364 -18.41 -21.12 3.05
C LEU A 364 -17.67 -21.16 4.37
N ILE A 365 -18.40 -20.98 5.48
CA ILE A 365 -17.76 -20.92 6.79
C ILE A 365 -17.01 -22.21 7.07
N SER A 366 -17.57 -23.35 6.65
CA SER A 366 -16.89 -24.62 6.85
C SER A 366 -15.57 -24.66 6.10
N VAL A 367 -15.53 -24.05 4.91
CA VAL A 367 -14.29 -24.00 4.13
C VAL A 367 -13.24 -23.13 4.82
N LEU A 368 -13.65 -21.95 5.33
CA LEU A 368 -12.68 -21.09 5.99
C LEU A 368 -12.17 -21.70 7.29
N THR A 369 -13.05 -22.41 8.01
CA THR A 369 -12.64 -23.13 9.21
C THR A 369 -11.65 -24.24 8.86
N LEU A 370 -11.95 -25.01 7.81
CA LEU A 370 -11.01 -26.04 7.36
C LEU A 370 -9.67 -25.43 7.02
N ILE A 371 -9.67 -24.28 6.34
CA ILE A 371 -8.41 -23.58 6.06
C ILE A 371 -7.63 -23.35 7.36
N GLN A 372 -8.31 -22.81 8.37
CA GLN A 372 -7.62 -22.59 9.64
C GLN A 372 -7.04 -23.88 10.21
N ASN A 373 -7.79 -24.98 10.10
CA ASN A 373 -7.28 -26.24 10.62
C ASN A 373 -6.02 -26.67 9.89
N MET A 374 -6.01 -26.54 8.56
CA MET A 374 -4.86 -26.99 7.79
C MET A 374 -3.63 -26.11 8.03
N ILE A 375 -3.84 -24.80 8.17
CA ILE A 375 -2.70 -23.93 8.50
C ILE A 375 -2.13 -24.31 9.87
N LYS A 376 -3.00 -24.52 10.85
CA LYS A 376 -2.52 -24.98 12.15
C LYS A 376 -1.70 -26.26 12.02
N THR A 377 -2.19 -27.21 11.21
CA THR A 377 -1.46 -28.47 11.05
C THR A 377 -0.11 -28.26 10.38
N CYS A 378 -0.05 -27.36 9.39
CA CYS A 378 1.24 -27.09 8.73
C CYS A 378 2.24 -26.52 9.72
N ARG A 379 1.84 -25.51 10.50
CA ARG A 379 2.76 -24.93 11.48
C ARG A 379 3.22 -25.97 12.49
N THR A 380 2.29 -26.82 12.96
CA THR A 380 2.65 -27.84 13.93
C THR A 380 3.61 -28.87 13.33
N ASP A 381 3.38 -29.26 12.07
CA ASP A 381 4.30 -30.15 11.38
C ASP A 381 5.68 -29.52 11.26
N ALA A 382 5.74 -28.22 10.95
CA ALA A 382 7.03 -27.54 10.86
C ALA A 382 7.80 -27.66 12.17
N ILE A 383 7.17 -27.25 13.28
CA ILE A 383 7.91 -27.27 14.55
C ILE A 383 8.28 -28.70 14.94
N GLU A 384 7.39 -29.65 14.67
CA GLU A 384 7.72 -31.04 15.01
C GLU A 384 8.91 -31.54 14.21
N ALA A 385 8.99 -31.18 12.92
CA ALA A 385 10.12 -31.61 12.12
C ALA A 385 11.40 -30.98 12.64
N CYS A 386 11.35 -29.70 13.01
CA CYS A 386 12.56 -29.05 13.52
C CYS A 386 13.05 -29.67 14.82
N VAL A 387 12.14 -29.94 15.76
CA VAL A 387 12.60 -30.50 17.04
C VAL A 387 13.03 -31.96 16.85
N THR A 388 12.42 -32.67 15.91
CA THR A 388 12.88 -34.02 15.60
C THR A 388 14.30 -34.00 15.04
N LYS A 389 14.57 -33.08 14.11
CA LYS A 389 15.90 -32.97 13.52
C LYS A 389 16.94 -32.61 14.58
N ARG A 390 16.65 -31.59 15.39
CA ARG A 390 17.60 -31.21 16.44
C ARG A 390 17.81 -32.36 17.42
N LYS A 391 16.74 -33.08 17.74
CA LYS A 391 16.84 -34.21 18.66
C LYS A 391 17.73 -35.31 18.09
N GLU A 392 17.64 -35.55 16.77
CA GLU A 392 18.51 -36.55 16.17
C GLU A 392 19.94 -36.07 16.09
N GLU A 393 20.15 -34.75 15.99
CA GLU A 393 21.50 -34.22 16.00
C GLU A 393 22.13 -34.34 17.38
N LEU A 394 21.36 -34.08 18.44
CA LEU A 394 21.87 -34.20 19.80
C LEU A 394 21.91 -35.63 20.29
N GLU A 395 21.23 -36.57 19.62
CA GLU A 395 21.35 -37.98 19.96
C GLU A 395 22.51 -38.63 19.24
N ALA A 396 22.99 -38.02 18.16
CA ALA A 396 24.12 -38.53 17.39
C ALA A 396 25.45 -38.13 18.01
N LEU A 397 25.44 -37.70 19.27
CA LEU A 397 26.64 -37.41 20.03
C LEU A 397 26.67 -38.15 21.37
N LYS A 398 25.60 -38.86 21.72
CA LYS A 398 25.53 -39.58 22.99
C LYS A 398 25.94 -41.04 22.81
N THR B 4 0.86 26.77 15.44
CA THR B 4 0.74 26.06 14.17
C THR B 4 -0.66 26.24 13.58
N PHE B 5 -0.73 26.59 12.31
CA PHE B 5 -2.00 26.99 11.70
C PHE B 5 -2.94 25.79 11.62
N VAL B 6 -4.12 25.93 12.23
CA VAL B 6 -5.14 24.89 12.20
C VAL B 6 -6.14 25.22 11.10
N LEU B 7 -6.42 24.26 10.23
CA LEU B 7 -7.37 24.49 9.15
C LEU B 7 -8.79 24.51 9.69
N LYS B 8 -9.67 25.23 8.99
CA LYS B 8 -11.07 25.22 9.35
C LYS B 8 -11.73 23.90 8.95
N GLU B 9 -12.84 23.61 9.59
CA GLU B 9 -13.63 22.45 9.22
C GLU B 9 -14.43 22.77 7.96
N PHE B 10 -14.79 21.70 7.22
CA PHE B 10 -15.45 21.88 5.94
C PHE B 10 -16.74 22.70 6.09
N ASP B 11 -17.58 22.34 7.05
CA ASP B 11 -18.88 22.98 7.17
C ASP B 11 -18.77 24.43 7.63
N ALA B 12 -17.73 24.76 8.41
CA ALA B 12 -17.51 26.15 8.80
C ALA B 12 -17.17 27.02 7.60
N LEU B 13 -16.29 26.52 6.72
CA LEU B 13 -15.97 27.25 5.50
C LEU B 13 -17.16 27.32 4.57
N LYS B 14 -17.97 26.26 4.52
CA LYS B 14 -19.15 26.24 3.67
C LYS B 14 -20.16 27.29 4.12
N SER B 15 -20.51 27.29 5.39
CA SER B 15 -21.50 28.25 5.89
C SER B 15 -20.95 29.67 5.84
N HIS B 16 -19.67 29.85 6.18
CA HIS B 16 -19.09 31.19 6.10
C HIS B 16 -19.07 31.69 4.66
N PHE B 17 -18.87 30.80 3.69
CA PHE B 17 -18.86 31.22 2.30
C PHE B 17 -20.27 31.57 1.83
N ASN B 18 -21.27 30.77 2.20
CA ASN B 18 -22.62 31.10 1.79
C ASN B 18 -23.07 32.43 2.40
N ASP B 19 -22.68 32.68 3.66
CA ASP B 19 -22.88 33.99 4.26
C ASP B 19 -22.16 35.07 3.44
N THR B 20 -20.94 34.80 3.00
CA THR B 20 -20.21 35.77 2.19
C THR B 20 -20.98 36.10 0.91
N VAL B 21 -21.59 35.08 0.30
CA VAL B 21 -22.42 35.30 -0.89
C VAL B 21 -23.59 36.22 -0.55
N LYS B 22 -24.29 35.93 0.56
CA LYS B 22 -25.41 36.78 0.94
C LYS B 22 -24.96 38.22 1.17
N ILE B 23 -23.83 38.41 1.86
CA ILE B 23 -23.34 39.76 2.14
C ILE B 23 -23.01 40.49 0.84
N ILE B 24 -22.30 39.81 -0.07
CA ILE B 24 -21.96 40.44 -1.34
C ILE B 24 -23.22 40.83 -2.09
N LEU B 25 -24.23 39.96 -2.07
CA LEU B 25 -25.48 40.25 -2.78
C LEU B 25 -26.20 41.44 -2.17
N GLN B 26 -26.21 41.54 -0.84
CA GLN B 26 -26.87 42.66 -0.17
C GLN B 26 -26.11 43.97 -0.31
N ARG B 27 -24.79 43.91 -0.55
CA ARG B 27 -24.02 45.15 -0.68
C ARG B 27 -24.24 45.84 -2.02
N GLU B 28 -24.40 45.08 -3.10
CA GLU B 28 -24.62 45.64 -4.43
C GLU B 28 -26.07 45.62 -4.87
N LYS B 29 -26.99 45.20 -4.00
CA LYS B 29 -28.43 45.24 -4.28
C LYS B 29 -28.80 44.37 -5.48
N LYS B 30 -28.20 43.18 -5.56
CA LYS B 30 -28.54 42.20 -6.57
C LYS B 30 -29.04 40.94 -5.88
N ASP B 31 -29.99 40.26 -6.53
CA ASP B 31 -30.58 39.06 -5.97
C ASP B 31 -29.85 37.78 -6.37
N LYS B 32 -29.12 37.79 -7.48
CA LYS B 32 -28.48 36.59 -7.98
C LYS B 32 -27.05 36.91 -8.42
N ILE B 33 -26.15 35.94 -8.21
CA ILE B 33 -24.75 36.12 -8.58
C ILE B 33 -24.61 36.50 -10.04
N GLU B 34 -25.46 35.94 -10.90
CA GLU B 34 -25.36 36.23 -12.33
C GLU B 34 -25.60 37.68 -12.65
N ASP B 35 -26.22 38.44 -11.73
CA ASP B 35 -26.45 39.87 -11.91
C ASP B 35 -25.28 40.71 -11.42
N LEU B 36 -24.28 40.11 -10.78
CA LEU B 36 -23.14 40.86 -10.28
C LEU B 36 -22.23 41.29 -11.44
N PRO B 37 -21.50 42.38 -11.25
CA PRO B 37 -20.53 42.81 -12.28
C PRO B 37 -19.28 41.94 -12.28
N ASN B 38 -18.50 42.08 -13.34
CA ASN B 38 -17.21 41.41 -13.43
C ASN B 38 -16.13 42.27 -12.76
N PRO B 39 -15.10 41.62 -12.22
CA PRO B 39 -14.88 40.17 -12.23
C PRO B 39 -15.43 39.44 -11.00
N ARG B 40 -16.14 40.15 -10.11
CA ARG B 40 -16.65 39.51 -8.91
C ARG B 40 -17.60 38.36 -9.25
N LYS B 41 -18.44 38.55 -10.27
CA LYS B 41 -19.43 37.54 -10.58
C LYS B 41 -18.78 36.21 -10.98
N GLU B 42 -17.78 36.26 -11.86
CA GLU B 42 -17.14 35.01 -12.26
C GLU B 42 -16.33 34.38 -11.11
N GLU B 43 -15.76 35.20 -10.23
CA GLU B 43 -15.06 34.64 -9.08
C GLU B 43 -16.02 33.88 -8.17
N LEU B 44 -17.20 34.45 -7.91
CA LEU B 44 -18.16 33.75 -7.05
C LEU B 44 -18.85 32.60 -7.76
N GLN B 45 -19.02 32.70 -9.09
CA GLN B 45 -19.51 31.57 -9.87
C GLN B 45 -18.52 30.41 -9.81
N PHE B 46 -17.22 30.73 -9.91
CA PHE B 46 -16.20 29.71 -9.75
C PHE B 46 -16.26 29.06 -8.37
N LEU B 47 -16.20 29.87 -7.32
CA LEU B 47 -16.19 29.30 -5.98
C LEU B 47 -17.46 28.50 -5.70
N THR B 48 -18.60 28.95 -6.26
CA THR B 48 -19.85 28.23 -6.04
C THR B 48 -19.87 26.91 -6.81
N ALA B 49 -19.33 26.91 -8.04
CA ALA B 49 -19.24 25.65 -8.78
C ALA B 49 -18.33 24.66 -8.08
N VAL B 50 -17.19 25.14 -7.57
CA VAL B 50 -16.28 24.26 -6.82
C VAL B 50 -16.98 23.71 -5.59
N LEU B 51 -17.63 24.58 -4.81
CA LEU B 51 -18.33 24.12 -3.60
C LEU B 51 -19.42 23.11 -3.96
N ASN B 52 -20.17 23.36 -5.03
CA ASN B 52 -21.22 22.44 -5.45
C ASN B 52 -20.64 21.08 -5.80
N GLN B 53 -19.56 21.06 -6.58
CA GLN B 53 -18.96 19.79 -6.95
C GLN B 53 -18.43 19.05 -5.73
N LEU B 54 -17.84 19.79 -4.78
CA LEU B 54 -17.34 19.17 -3.55
C LEU B 54 -18.49 18.54 -2.75
N GLU B 55 -19.60 19.25 -2.62
CA GLU B 55 -20.73 18.70 -1.87
C GLU B 55 -21.29 17.46 -2.56
N ALA B 56 -21.50 17.55 -3.88
CA ALA B 56 -22.01 16.40 -4.61
C ALA B 56 -21.09 15.19 -4.46
N LYS B 57 -19.77 15.41 -4.50
CA LYS B 57 -18.84 14.30 -4.36
C LYS B 57 -18.78 13.77 -2.92
N ILE B 58 -19.01 14.63 -1.93
CA ILE B 58 -19.02 14.16 -0.54
C ILE B 58 -20.24 13.29 -0.28
N ASP B 59 -21.40 13.71 -0.80
CA ASP B 59 -22.59 12.87 -0.69
C ASP B 59 -22.39 11.57 -1.46
N GLU B 60 -21.80 11.67 -2.65
CA GLU B 60 -21.61 10.50 -3.51
C GLU B 60 -20.71 9.46 -2.87
N LEU B 61 -19.60 9.90 -2.26
CA LEU B 61 -18.59 8.98 -1.76
C LEU B 61 -18.66 8.69 -0.27
N LYS B 62 -19.31 9.55 0.52
CA LYS B 62 -19.42 9.44 1.97
C LYS B 62 -18.06 9.04 2.60
N PRO B 63 -17.05 9.89 2.45
CA PRO B 63 -15.73 9.56 3.02
C PRO B 63 -15.66 9.77 4.52
N ARG B 64 -14.76 9.01 5.15
CA ARG B 64 -14.58 9.12 6.61
C ARG B 64 -13.84 10.38 7.01
N SER B 65 -13.05 10.96 6.13
CA SER B 65 -12.31 12.20 6.41
C SER B 65 -12.60 13.21 5.30
N LEU B 66 -12.66 14.48 5.69
CA LEU B 66 -12.94 15.56 4.75
C LEU B 66 -11.72 16.43 4.47
N ALA B 67 -10.53 16.03 4.90
CA ALA B 67 -9.34 16.86 4.74
C ALA B 67 -9.09 17.21 3.27
N SER B 68 -9.33 16.27 2.37
CA SER B 68 -9.07 16.52 0.95
C SER B 68 -9.98 17.62 0.41
N TYR B 69 -11.26 17.57 0.76
CA TYR B 69 -12.20 18.57 0.27
C TYR B 69 -11.91 19.94 0.87
N VAL B 70 -11.53 19.96 2.15
CA VAL B 70 -11.10 21.22 2.78
C VAL B 70 -9.90 21.78 2.04
N HIS B 71 -8.95 20.91 1.65
CA HIS B 71 -7.81 21.35 0.86
C HIS B 71 -8.27 21.97 -0.46
N VAL B 72 -9.17 21.29 -1.17
CA VAL B 72 -9.63 21.79 -2.46
C VAL B 72 -10.25 23.18 -2.28
N PHE B 73 -11.13 23.32 -1.28
CA PHE B 73 -11.83 24.60 -1.12
C PHE B 73 -10.88 25.71 -0.70
N TYR B 74 -9.95 25.42 0.20
CA TYR B 74 -8.89 26.37 0.53
C TYR B 74 -8.17 26.82 -0.74
N GLY B 75 -7.80 25.87 -1.59
CA GLY B 75 -7.13 26.22 -2.83
C GLY B 75 -7.97 27.13 -3.72
N ALA B 76 -9.24 26.80 -3.88
CA ALA B 76 -10.11 27.61 -4.73
C ALA B 76 -10.25 29.03 -4.18
N MET B 77 -10.49 29.16 -2.88
CA MET B 77 -10.68 30.49 -2.30
C MET B 77 -9.40 31.31 -2.34
N LEU B 78 -8.25 30.69 -2.05
CA LEU B 78 -6.99 31.41 -2.16
C LEU B 78 -6.70 31.81 -3.61
N LEU B 79 -7.10 30.96 -4.57
CA LEU B 79 -6.95 31.32 -5.97
C LEU B 79 -7.80 32.55 -6.31
N VAL B 80 -9.04 32.58 -5.80
CA VAL B 80 -9.89 33.75 -6.03
C VAL B 80 -9.30 34.99 -5.38
N CYS B 81 -8.69 34.82 -4.20
CA CYS B 81 -8.01 35.95 -3.56
C CYS B 81 -6.87 36.46 -4.43
N LYS B 82 -6.08 35.56 -5.02
CA LYS B 82 -5.02 35.97 -5.93
C LYS B 82 -5.58 36.72 -7.13
N ASP B 83 -6.66 36.20 -7.72
CA ASP B 83 -7.28 36.89 -8.84
C ASP B 83 -7.76 38.29 -8.43
N VAL B 84 -8.32 38.40 -7.23
CA VAL B 84 -8.78 39.70 -6.72
C VAL B 84 -7.60 40.66 -6.63
N GLU B 85 -6.48 40.20 -6.06
CA GLU B 85 -5.30 41.03 -6.02
C GLU B 85 -4.85 41.45 -7.41
N ASN B 86 -4.97 40.53 -8.39
CA ASN B 86 -4.54 40.81 -9.75
C ASN B 86 -5.49 41.76 -10.49
N ASN B 87 -6.72 41.94 -10.01
CA ASN B 87 -7.67 42.81 -10.69
C ASN B 87 -7.97 44.10 -9.89
N LEU B 88 -7.10 44.45 -8.95
CA LEU B 88 -7.29 45.64 -8.13
C LEU B 88 -6.91 46.91 -8.89
N ARG B 89 -7.51 48.03 -8.48
CA ARG B 89 -7.14 49.33 -9.00
C ARG B 89 -5.75 49.72 -8.51
N VAL B 90 -5.09 50.59 -9.28
CA VAL B 90 -3.70 50.96 -9.02
C VAL B 90 -3.48 51.50 -7.61
N MET B 91 -4.53 51.96 -6.93
CA MET B 91 -4.36 52.57 -5.62
C MET B 91 -5.00 51.80 -4.47
N GLU B 92 -6.02 50.98 -4.75
CA GLU B 92 -6.72 50.28 -3.68
C GLU B 92 -5.87 49.14 -3.12
N LYS B 93 -5.86 49.05 -1.79
CA LYS B 93 -5.11 48.02 -1.06
C LYS B 93 -5.97 46.78 -0.88
N LYS B 94 -5.30 45.62 -0.79
CA LYS B 94 -6.03 44.36 -0.66
C LYS B 94 -6.98 44.38 0.53
N GLU B 95 -6.61 45.08 1.60
CA GLU B 95 -7.47 45.17 2.78
C GLU B 95 -8.77 45.93 2.53
N ASN B 96 -9.01 46.41 1.31
CA ASN B 96 -10.22 47.18 1.00
C ASN B 96 -11.05 46.52 -0.10
N SER B 97 -11.03 45.19 -0.16
CA SER B 97 -11.98 44.43 -0.97
C SER B 97 -12.79 43.53 -0.04
N LEU B 98 -14.12 43.58 -0.16
CA LEU B 98 -14.97 42.81 0.75
C LEU B 98 -14.81 41.30 0.51
N LEU B 99 -14.78 40.88 -0.76
CA LEU B 99 -14.61 39.46 -1.05
C LEU B 99 -13.28 38.95 -0.53
N PHE B 100 -12.21 39.73 -0.71
CA PHE B 100 -10.89 39.30 -0.23
C PHE B 100 -10.87 39.12 1.28
N THR B 101 -11.31 40.14 2.01
CA THR B 101 -11.23 40.08 3.48
C THR B 101 -12.19 39.04 4.05
N ARG B 102 -13.36 38.85 3.43
CA ARG B 102 -14.27 37.82 3.93
C ARG B 102 -13.81 36.42 3.57
N LEU B 103 -13.13 36.25 2.43
CA LEU B 103 -12.56 34.94 2.13
C LEU B 103 -11.43 34.60 3.08
N MET B 104 -10.49 35.53 3.26
CA MET B 104 -9.43 35.33 4.24
C MET B 104 -10.00 35.07 5.63
N ASP B 105 -11.01 35.85 6.02
CA ASP B 105 -11.65 35.67 7.32
C ASP B 105 -12.28 34.28 7.43
N GLY B 106 -13.00 33.87 6.39
CA GLY B 106 -13.64 32.56 6.42
C GLY B 106 -12.64 31.42 6.49
N MET B 107 -11.46 31.60 5.92
CA MET B 107 -10.41 30.59 6.03
C MET B 107 -9.63 30.70 7.34
N GLY B 108 -9.84 31.76 8.11
CA GLY B 108 -9.09 31.97 9.33
C GLY B 108 -7.71 32.54 9.12
N ILE B 109 -7.41 33.05 7.94
CA ILE B 109 -6.09 33.56 7.59
C ILE B 109 -6.05 35.06 7.80
N SER B 110 -5.03 35.53 8.50
CA SER B 110 -4.74 36.94 8.64
C SER B 110 -3.23 37.11 8.51
N ASP B 111 -2.75 38.36 8.62
CA ASP B 111 -1.32 38.56 8.64
C ASP B 111 -0.67 37.97 9.89
N GLU B 112 -1.48 37.54 10.86
CA GLU B 112 -1.01 36.93 12.10
C GLU B 112 -1.14 35.41 12.12
N ASN B 113 -1.89 34.82 11.19
CA ASN B 113 -2.14 33.37 11.17
C ASN B 113 -2.09 32.89 9.72
N ILE B 114 -0.94 32.35 9.30
CA ILE B 114 -0.80 31.90 7.92
C ILE B 114 -0.62 30.39 7.88
N PRO B 115 -1.18 29.70 6.89
CA PRO B 115 -0.96 28.26 6.77
C PRO B 115 0.50 27.95 6.44
N THR B 116 0.87 26.71 6.72
CA THR B 116 2.24 26.25 6.52
C THR B 116 2.56 26.08 5.04
N SER B 117 3.86 25.91 4.78
CA SER B 117 4.35 25.59 3.45
C SER B 117 3.69 24.33 2.93
N GLU B 118 3.70 23.28 3.76
CA GLU B 118 3.08 22.02 3.39
C GLU B 118 1.59 22.17 3.16
N GLN B 119 0.94 23.03 3.94
CA GLN B 119 -0.49 23.22 3.76
C GLN B 119 -0.80 23.95 2.46
N ASN B 120 0.00 24.95 2.12
CA ASN B 120 -0.18 25.63 0.83
C ASN B 120 -0.03 24.62 -0.32
N ILE B 121 0.99 23.78 -0.24
CA ILE B 121 1.19 22.78 -1.30
C ILE B 121 -0.01 21.85 -1.38
N MET B 122 -0.53 21.41 -0.22
CA MET B 122 -1.72 20.56 -0.25
C MET B 122 -2.91 21.28 -0.86
N PHE B 123 -3.07 22.57 -0.56
CA PHE B 123 -4.18 23.35 -1.10
C PHE B 123 -4.16 23.34 -2.61
N TYR B 124 -3.06 23.80 -3.20
CA TYR B 124 -3.08 23.97 -4.65
C TYR B 124 -2.91 22.65 -5.40
N ARG B 125 -2.19 21.68 -4.83
CA ARG B 125 -2.15 20.36 -5.45
C ARG B 125 -3.54 19.74 -5.48
N GLY B 126 -4.27 19.82 -4.35
CA GLY B 126 -5.63 19.35 -4.31
C GLY B 126 -6.52 20.04 -5.33
N LEU B 127 -6.46 21.37 -5.38
CA LEU B 127 -7.28 22.10 -6.34
C LEU B 127 -6.96 21.69 -7.77
N ASN B 128 -5.67 21.62 -8.11
CA ASN B 128 -5.30 21.32 -9.49
C ASN B 128 -5.70 19.91 -9.89
N LYS B 129 -5.60 18.95 -8.96
CA LYS B 129 -6.14 17.62 -9.25
C LYS B 129 -7.65 17.69 -9.44
N PHE B 130 -8.32 18.47 -8.60
CA PHE B 130 -9.76 18.61 -8.68
C PHE B 130 -10.20 19.17 -10.03
N LEU B 131 -9.40 20.10 -10.58
CA LEU B 131 -9.76 20.78 -11.82
C LEU B 131 -9.72 19.88 -13.04
N ASN B 132 -9.09 18.70 -12.95
CA ASN B 132 -9.11 17.78 -14.09
C ASN B 132 -10.49 17.23 -14.36
N PHE B 133 -11.46 17.48 -13.48
CA PHE B 133 -12.84 17.06 -13.72
C PHE B 133 -13.46 17.72 -14.93
N ILE B 134 -12.83 18.77 -15.48
CA ILE B 134 -13.34 19.42 -16.69
C ILE B 134 -12.96 18.70 -17.97
N TYR B 135 -12.05 17.74 -17.90
CA TYR B 135 -11.57 17.03 -19.08
C TYR B 135 -12.35 15.75 -19.31
N GLU B 136 -12.56 15.42 -20.58
CA GLU B 136 -13.19 14.16 -20.93
C GLU B 136 -12.38 13.01 -20.37
N SER B 137 -13.00 12.21 -19.52
CA SER B 137 -12.33 11.11 -18.82
C SER B 137 -11.22 11.63 -17.90
N ASN B 138 -11.33 12.89 -17.46
CA ASN B 138 -10.31 13.56 -16.66
C ASN B 138 -8.95 13.57 -17.35
N ASP B 139 -8.94 13.47 -18.68
CA ASP B 139 -7.73 13.43 -19.48
C ASP B 139 -7.78 14.56 -20.49
N SER B 140 -6.85 15.50 -20.38
CA SER B 140 -6.84 16.67 -21.26
C SER B 140 -6.51 16.33 -22.71
N ARG B 141 -5.95 15.14 -22.97
CA ARG B 141 -5.77 14.70 -24.35
C ARG B 141 -7.10 14.66 -25.10
N LYS B 142 -8.19 14.41 -24.37
CA LYS B 142 -9.51 14.23 -24.95
C LYS B 142 -10.31 15.53 -25.03
N GLY B 143 -9.76 16.64 -24.55
CA GLY B 143 -10.46 17.91 -24.60
C GLY B 143 -11.39 18.09 -23.41
N LEU B 144 -12.03 19.26 -23.40
CA LEU B 144 -13.00 19.56 -22.34
C LEU B 144 -14.22 18.67 -22.47
N LYS B 145 -14.81 18.34 -21.32
CA LYS B 145 -16.10 17.66 -21.32
C LYS B 145 -17.13 18.46 -22.12
N LYS B 146 -18.10 17.74 -22.69
CA LYS B 146 -19.16 18.42 -23.42
C LYS B 146 -19.92 19.35 -22.49
N GLU B 147 -20.23 18.88 -21.29
CA GLU B 147 -20.77 19.69 -20.21
C GLU B 147 -19.91 19.45 -18.97
N HIS B 148 -19.20 20.48 -18.52
CA HIS B 148 -18.33 20.37 -17.37
C HIS B 148 -18.78 21.35 -16.28
N PHE B 149 -18.35 21.08 -15.05
CA PHE B 149 -18.89 21.77 -13.89
C PHE B 149 -18.52 23.24 -13.84
N LEU B 150 -17.65 23.73 -14.74
CA LEU B 150 -17.33 25.14 -14.83
C LEU B 150 -17.93 25.77 -16.09
N GLN B 151 -18.97 25.16 -16.65
CA GLN B 151 -19.59 25.68 -17.86
C GLN B 151 -20.17 27.07 -17.67
N VAL B 152 -20.45 27.47 -16.43
CA VAL B 152 -20.97 28.81 -16.17
C VAL B 152 -19.95 29.87 -16.56
N LEU B 153 -18.67 29.54 -16.47
CA LEU B 153 -17.60 30.48 -16.78
C LEU B 153 -17.27 30.44 -18.27
N SER B 154 -16.78 31.57 -18.78
CA SER B 154 -16.28 31.61 -20.14
C SER B 154 -14.95 30.86 -20.25
N LEU B 155 -14.64 30.40 -21.47
CA LEU B 155 -13.40 29.66 -21.67
C LEU B 155 -12.18 30.49 -21.29
N LYS B 156 -12.19 31.79 -21.62
CA LYS B 156 -11.05 32.64 -21.28
C LYS B 156 -10.83 32.67 -19.77
N LYS B 157 -11.90 32.76 -19.00
CA LYS B 157 -11.77 32.77 -17.55
C LYS B 157 -11.28 31.42 -17.04
N ILE B 158 -11.79 30.33 -17.61
CA ILE B 158 -11.34 28.99 -17.23
C ILE B 158 -9.83 28.87 -17.46
N TYR B 159 -9.36 29.32 -18.62
CA TYR B 159 -7.93 29.27 -18.89
C TYR B 159 -7.15 30.12 -17.90
N SER B 160 -7.62 31.34 -17.64
CA SER B 160 -6.90 32.23 -16.73
C SER B 160 -6.80 31.61 -15.34
N LEU B 161 -7.89 30.99 -14.86
CA LEU B 161 -7.89 30.42 -13.52
C LEU B 161 -7.03 29.16 -13.45
N ALA B 162 -7.09 28.31 -14.49
CA ALA B 162 -6.24 27.12 -14.49
C ALA B 162 -4.77 27.52 -14.53
N LYS B 163 -4.41 28.40 -15.45
CA LYS B 163 -3.03 28.89 -15.53
C LYS B 163 -2.58 29.46 -14.18
N LEU B 164 -3.39 30.34 -13.60
CA LEU B 164 -3.04 30.92 -12.31
C LEU B 164 -2.83 29.84 -11.26
N SER B 165 -3.69 28.82 -11.25
CA SER B 165 -3.58 27.78 -10.24
C SER B 165 -2.30 26.97 -10.40
N TYR B 166 -1.97 26.59 -11.65
CA TYR B 166 -0.71 25.90 -11.88
C TYR B 166 0.46 26.74 -11.42
N GLU B 167 0.43 28.04 -11.71
CA GLU B 167 1.48 28.93 -11.26
C GLU B 167 1.57 28.95 -9.74
N GLN B 168 0.42 28.92 -9.07
CA GLN B 168 0.40 28.94 -7.61
C GLN B 168 0.99 27.66 -7.03
N GLU B 169 0.65 26.50 -7.61
CA GLU B 169 1.27 25.27 -7.14
C GLU B 169 2.78 25.28 -7.37
N GLU B 170 3.22 25.71 -8.55
CA GLU B 170 4.66 25.81 -8.79
C GLU B 170 5.32 26.67 -7.72
N ALA B 171 4.74 27.84 -7.44
CA ALA B 171 5.33 28.74 -6.45
C ALA B 171 5.35 28.12 -5.07
N ALA B 172 4.29 27.40 -4.69
CA ALA B 172 4.24 26.79 -3.37
C ALA B 172 5.29 25.69 -3.23
N GLU B 173 5.32 24.76 -4.21
CA GLU B 173 6.31 23.69 -4.19
C GLU B 173 7.73 24.26 -4.17
N ASN B 174 7.98 25.30 -4.95
CA ASN B 174 9.30 25.92 -4.96
C ASN B 174 9.62 26.51 -3.58
N ASN B 175 8.65 27.16 -2.96
CA ASN B 175 8.86 27.68 -1.61
C ASN B 175 9.29 26.57 -0.67
N ALA B 176 8.56 25.45 -0.71
CA ALA B 176 8.95 24.31 0.12
C ALA B 176 10.36 23.82 -0.19
N LEU B 177 10.71 23.79 -1.48
CA LEU B 177 12.04 23.31 -1.87
C LEU B 177 13.14 24.23 -1.33
N ALA B 178 12.88 25.54 -1.30
CA ALA B 178 13.90 26.47 -0.83
C ALA B 178 14.16 26.36 0.66
N LYS B 179 13.28 25.71 1.42
CA LYS B 179 13.41 25.58 2.86
C LYS B 179 13.95 24.23 3.31
N LEU B 180 14.27 23.33 2.39
CA LEU B 180 14.86 22.06 2.75
C LEU B 180 16.30 22.24 3.22
N THR B 181 16.74 21.35 4.10
CA THR B 181 18.13 21.30 4.53
C THR B 181 18.70 19.93 4.16
N ALA B 182 20.00 19.89 3.90
CA ALA B 182 20.65 18.67 3.42
C ALA B 182 21.42 17.99 4.54
N ASP B 183 20.71 17.69 5.64
CA ASP B 183 21.32 17.05 6.79
C ASP B 183 20.68 15.70 7.12
N GLY B 184 19.84 15.17 6.23
CA GLY B 184 19.25 13.87 6.45
C GLY B 184 20.30 12.78 6.54
N LYS B 185 20.18 11.89 7.53
CA LYS B 185 21.21 10.90 7.81
C LYS B 185 20.87 9.50 7.31
N THR B 186 19.62 9.23 6.95
CA THR B 186 19.26 7.89 6.52
C THR B 186 19.87 7.59 5.15
N LYS B 187 19.86 6.30 4.81
CA LYS B 187 20.35 5.84 3.52
C LYS B 187 19.16 5.57 2.61
N ALA B 188 19.27 6.01 1.36
CA ALA B 188 18.17 5.81 0.42
C ALA B 188 18.06 4.34 0.07
N ASN B 189 16.82 3.91 -0.23
CA ASN B 189 16.53 2.51 -0.51
C ASN B 189 15.82 2.43 -1.87
N ALA B 190 16.61 2.24 -2.93
CA ALA B 190 16.04 2.16 -4.27
C ALA B 190 15.13 0.94 -4.42
N ASN B 191 15.47 -0.18 -3.78
CA ASN B 191 14.69 -1.39 -3.93
C ASN B 191 13.35 -1.32 -3.21
N SER B 192 13.12 -0.29 -2.41
CA SER B 192 11.84 -0.07 -1.76
C SER B 192 10.97 0.94 -2.51
N PHE B 193 11.38 1.34 -3.71
CA PHE B 193 10.62 2.29 -4.50
C PHE B 193 9.51 1.59 -5.26
N HIS B 194 8.33 2.20 -5.25
CA HIS B 194 7.16 1.65 -5.93
C HIS B 194 6.36 2.78 -6.54
N VAL B 195 5.77 2.50 -7.70
CA VAL B 195 4.93 3.46 -8.41
C VAL B 195 3.50 3.32 -7.89
N GLU B 196 2.79 4.45 -7.79
CA GLU B 196 1.41 4.40 -7.32
C GLU B 196 0.46 3.94 -8.43
N LYS B 197 0.55 4.55 -9.60
CA LYS B 197 -0.27 4.16 -10.74
C LYS B 197 0.65 3.78 -11.89
N PRO B 198 0.59 2.55 -12.40
CA PRO B 198 1.49 2.16 -13.50
C PRO B 198 1.25 3.00 -14.74
N ILE B 199 2.34 3.31 -15.43
CA ILE B 199 2.26 4.09 -16.66
C ILE B 199 1.65 3.25 -17.77
N ASP B 200 0.88 3.88 -18.64
CA ASP B 200 0.43 3.23 -19.86
C ASP B 200 1.65 2.96 -20.75
N SER B 201 1.96 1.69 -20.98
CA SER B 201 3.21 1.31 -21.62
C SER B 201 3.35 1.89 -23.03
N SER B 202 2.24 2.06 -23.74
CA SER B 202 2.33 2.60 -25.09
C SER B 202 3.04 3.94 -25.11
N ILE B 203 3.01 4.66 -23.99
CA ILE B 203 3.62 5.98 -23.92
C ILE B 203 5.09 5.94 -24.28
N VAL B 204 5.79 4.86 -23.93
CA VAL B 204 7.22 4.77 -24.20
C VAL B 204 7.53 3.93 -25.46
N GLU B 205 6.53 3.73 -26.33
CA GLU B 205 6.75 2.82 -27.46
C GLU B 205 7.85 3.32 -28.40
N GLN B 206 8.06 4.63 -28.47
CA GLN B 206 9.12 5.15 -29.34
C GLN B 206 10.50 4.76 -28.85
N PHE B 207 10.66 4.45 -27.57
CA PHE B 207 11.98 4.15 -27.06
C PHE B 207 12.34 2.68 -27.21
N LYS B 208 11.39 1.87 -27.68
CA LYS B 208 11.63 0.48 -28.10
C LYS B 208 11.79 -0.47 -26.91
N SER B 209 12.76 -0.21 -26.04
CA SER B 209 12.94 -1.07 -24.87
C SER B 209 13.93 -0.40 -23.92
N TRP B 210 13.98 -0.93 -22.71
CA TRP B 210 14.89 -0.41 -21.69
C TRP B 210 16.34 -0.57 -22.11
N ASP B 211 16.71 -1.77 -22.56
CA ASP B 211 18.08 -2.01 -23.00
C ASP B 211 18.46 -1.09 -24.15
N GLU B 212 17.53 -0.84 -25.09
CA GLU B 212 17.88 0.01 -26.22
C GLU B 212 17.96 1.48 -25.81
N MET B 213 17.15 1.90 -24.85
CA MET B 213 17.26 3.26 -24.31
C MET B 213 18.61 3.47 -23.66
N LYS B 214 19.02 2.53 -22.79
CA LYS B 214 20.34 2.63 -22.19
C LYS B 214 21.42 2.63 -23.27
N GLY B 215 21.27 1.79 -24.28
CA GLY B 215 22.24 1.78 -25.37
C GLY B 215 22.33 3.12 -26.08
N ALA B 216 21.18 3.76 -26.32
CA ALA B 216 21.17 5.04 -27.00
C ALA B 216 21.84 6.13 -26.14
N LEU B 217 21.57 6.12 -24.84
CA LEU B 217 22.25 7.07 -23.96
C LEU B 217 23.76 6.84 -23.99
N HIS B 218 24.18 5.58 -23.94
CA HIS B 218 25.61 5.26 -23.95
C HIS B 218 26.26 5.75 -25.24
N GLN B 219 25.60 5.49 -26.38
CA GLN B 219 26.13 5.94 -27.65
C GLN B 219 26.17 7.46 -27.74
N LEU B 220 25.20 8.14 -27.12
CA LEU B 220 25.23 9.59 -27.11
C LEU B 220 26.42 10.10 -26.31
N ILE B 221 26.73 9.45 -25.18
CA ILE B 221 27.89 9.87 -24.39
C ILE B 221 29.18 9.63 -25.18
N LEU B 222 29.32 8.47 -25.83
CA LEU B 222 30.49 8.25 -26.67
C LEU B 222 30.60 9.31 -27.76
N ASP B 223 29.48 9.64 -28.41
CA ASP B 223 29.47 10.69 -29.42
C ASP B 223 29.97 12.00 -28.85
N GLU B 224 29.47 12.37 -27.67
CA GLU B 224 29.91 13.61 -27.02
C GLU B 224 31.42 13.59 -26.78
N LEU B 225 31.94 12.49 -26.24
CA LEU B 225 33.36 12.41 -25.93
C LEU B 225 34.22 12.55 -27.18
N SER B 226 33.85 11.87 -28.27
CA SER B 226 34.65 11.99 -29.49
C SER B 226 34.49 13.37 -30.13
N ASP B 227 33.28 13.93 -30.12
CA ASP B 227 33.08 15.26 -30.68
C ASP B 227 33.90 16.30 -29.93
N LYS B 228 33.95 16.20 -28.60
CA LYS B 228 34.68 17.15 -27.78
C LYS B 228 36.14 16.77 -27.59
N ASN B 229 36.57 15.62 -28.11
CA ASN B 229 37.97 15.23 -28.09
C ASN B 229 38.50 15.09 -26.66
N VAL B 230 37.69 14.50 -25.78
CA VAL B 230 38.09 14.23 -24.41
C VAL B 230 37.83 12.77 -24.09
N ALA B 231 38.49 12.30 -23.03
CA ALA B 231 38.45 10.89 -22.67
C ALA B 231 37.38 10.55 -21.65
N LYS B 232 36.89 11.53 -20.90
CA LYS B 232 35.97 11.26 -19.81
C LYS B 232 35.00 12.42 -19.63
N ILE B 233 33.80 12.08 -19.14
CA ILE B 233 32.74 13.07 -18.95
C ILE B 233 33.23 14.24 -18.11
N SER B 234 34.07 13.97 -17.10
CA SER B 234 34.48 15.03 -16.19
C SER B 234 35.38 16.07 -16.84
N ALA B 235 35.85 15.83 -18.06
CA ALA B 235 36.62 16.82 -18.80
C ALA B 235 35.74 17.79 -19.57
N LEU B 236 34.43 17.55 -19.61
CA LEU B 236 33.48 18.50 -20.16
C LEU B 236 33.27 19.66 -19.18
N SER B 237 32.49 20.64 -19.58
CA SER B 237 32.20 21.75 -18.69
C SER B 237 31.48 21.25 -17.44
N GLN B 238 31.54 22.05 -16.38
CA GLN B 238 30.87 21.68 -15.14
C GLN B 238 29.40 21.35 -15.40
N ALA B 239 28.72 22.21 -16.15
CA ALA B 239 27.29 22.00 -16.43
C ALA B 239 27.07 20.70 -17.19
N ARG B 240 27.79 20.51 -18.30
CA ARG B 240 27.53 19.36 -19.14
C ARG B 240 27.99 18.06 -18.48
N SER B 241 29.11 18.10 -17.76
CA SER B 241 29.56 16.95 -16.98
C SER B 241 28.52 16.55 -15.95
N ALA B 242 28.01 17.54 -15.20
CA ALA B 242 26.98 17.24 -14.20
C ALA B 242 25.72 16.67 -14.86
N GLN B 243 25.32 17.21 -16.00
CA GLN B 243 24.12 16.70 -16.68
C GLN B 243 24.29 15.24 -17.08
N LEU B 244 25.43 14.91 -17.69
CA LEU B 244 25.61 13.54 -18.16
C LEU B 244 25.79 12.57 -16.99
N LYS B 245 26.50 12.98 -15.94
CA LYS B 245 26.60 12.11 -14.78
C LYS B 245 25.25 11.95 -14.09
N PHE B 246 24.41 12.98 -14.13
CA PHE B 246 23.05 12.86 -13.64
C PHE B 246 22.29 11.78 -14.39
N LEU B 247 22.37 11.79 -15.74
CA LEU B 247 21.70 10.74 -16.51
C LEU B 247 22.26 9.36 -16.20
N GLN B 248 23.60 9.25 -16.14
CA GLN B 248 24.23 7.97 -15.83
C GLN B 248 23.75 7.45 -14.49
N THR B 249 23.77 8.30 -13.48
CA THR B 249 23.37 7.89 -12.14
C THR B 249 21.93 7.42 -12.11
N MET B 250 21.05 8.14 -12.80
CA MET B 250 19.65 7.70 -12.88
C MET B 250 19.56 6.30 -13.49
N ALA B 251 20.20 6.10 -14.64
CA ALA B 251 20.11 4.80 -15.30
C ALA B 251 20.68 3.68 -14.43
N GLU B 252 21.80 3.94 -13.75
CA GLU B 252 22.47 2.90 -12.97
C GLU B 252 21.65 2.54 -11.72
N GLN B 253 21.15 3.56 -11.03
CA GLN B 253 20.28 3.30 -9.89
C GLN B 253 19.05 2.50 -10.31
N LEU B 254 18.44 2.87 -11.44
CA LEU B 254 17.29 2.10 -11.92
C LEU B 254 17.70 0.68 -12.27
N ASP B 255 18.91 0.52 -12.80
CA ASP B 255 19.41 -0.80 -13.13
C ASP B 255 19.52 -1.67 -11.89
N LYS B 256 19.74 -1.06 -10.72
CA LYS B 256 19.87 -1.87 -9.51
C LYS B 256 18.56 -2.50 -9.06
N ILE B 257 17.42 -1.99 -9.52
CA ILE B 257 16.12 -2.49 -9.06
C ILE B 257 15.69 -3.68 -9.92
N PRO B 258 15.30 -4.80 -9.33
CA PRO B 258 14.84 -5.93 -10.13
C PRO B 258 13.52 -5.62 -10.83
N ASN B 259 13.37 -6.16 -12.04
CA ASN B 259 12.19 -5.85 -12.84
C ASN B 259 10.90 -6.22 -12.12
N GLN B 260 10.94 -7.25 -11.26
CA GLN B 260 9.74 -7.64 -10.53
C GLN B 260 9.24 -6.52 -9.63
N SER B 261 10.15 -5.64 -9.18
CA SER B 261 9.79 -4.52 -8.33
C SER B 261 9.55 -3.24 -9.10
N LEU B 262 10.13 -3.09 -10.29
CA LEU B 262 9.95 -1.90 -11.11
C LEU B 262 10.05 -2.34 -12.56
N GLU B 263 8.93 -2.28 -13.27
CA GLU B 263 8.90 -2.82 -14.62
C GLU B 263 9.77 -1.98 -15.54
N PRO B 264 10.33 -2.60 -16.60
CA PRO B 264 11.16 -1.82 -17.53
C PRO B 264 10.48 -0.59 -18.09
N SER B 265 9.16 -0.66 -18.37
CA SER B 265 8.47 0.52 -18.85
C SER B 265 8.58 1.69 -17.87
N GLU B 266 8.50 1.40 -16.56
CA GLU B 266 8.65 2.45 -15.56
C GLU B 266 10.05 3.04 -15.57
N LYS B 267 11.07 2.18 -15.69
CA LYS B 267 12.44 2.66 -15.78
C LYS B 267 12.60 3.54 -17.01
N MET B 268 12.04 3.11 -18.14
CA MET B 268 12.07 3.91 -19.36
C MET B 268 11.45 5.28 -19.13
N ALA B 269 10.30 5.32 -18.45
CA ALA B 269 9.65 6.60 -18.20
C ALA B 269 10.52 7.49 -17.32
N ILE B 270 11.14 6.93 -16.27
CA ILE B 270 11.94 7.74 -15.36
C ILE B 270 13.18 8.28 -16.07
N LEU B 271 13.87 7.44 -16.84
CA LEU B 271 15.04 7.92 -17.57
C LEU B 271 14.63 8.94 -18.62
N ALA B 272 13.47 8.75 -19.25
CA ALA B 272 12.99 9.74 -20.22
C ALA B 272 12.74 11.08 -19.54
N GLY B 273 12.09 11.07 -18.38
CA GLY B 273 11.90 12.32 -17.64
C GLY B 273 13.22 12.99 -17.33
N ALA B 274 14.21 12.20 -16.87
CA ALA B 274 15.52 12.78 -16.60
C ALA B 274 16.10 13.42 -17.85
N MET B 275 15.93 12.75 -19.01
CA MET B 275 16.41 13.31 -20.26
C MET B 275 15.72 14.63 -20.58
N TYR B 276 14.41 14.72 -20.33
CA TYR B 276 13.72 15.99 -20.53
C TYR B 276 14.29 17.08 -19.62
N ILE B 277 14.71 16.70 -18.41
CA ILE B 277 15.30 17.66 -17.49
C ILE B 277 16.62 18.21 -18.06
N VAL B 278 17.54 17.33 -18.43
CA VAL B 278 18.81 17.79 -18.98
C VAL B 278 18.57 18.62 -20.25
N ARG B 279 17.69 18.14 -21.12
CA ARG B 279 17.33 18.86 -22.33
C ARG B 279 16.86 20.28 -22.01
N GLY B 280 16.03 20.42 -20.98
CA GLY B 280 15.57 21.73 -20.57
C GLY B 280 16.68 22.62 -20.05
N GLN B 281 17.60 22.04 -19.27
CA GLN B 281 18.73 22.83 -18.78
C GLN B 281 19.55 23.40 -19.93
N ILE B 282 19.84 22.58 -20.94
CA ILE B 282 20.62 23.06 -22.07
C ILE B 282 19.83 24.11 -22.86
N ALA B 283 18.54 23.85 -23.10
CA ALA B 283 17.71 24.84 -23.77
C ALA B 283 17.80 26.19 -23.05
N GLN B 284 17.80 26.16 -21.72
CA GLN B 284 17.98 27.41 -20.97
C GLN B 284 19.35 28.01 -21.25
N GLU B 285 20.37 27.17 -21.40
CA GLU B 285 21.67 27.72 -21.80
C GLU B 285 21.57 28.49 -23.11
N TYR B 286 20.57 28.19 -23.93
CA TYR B 286 20.38 28.95 -25.17
C TYR B 286 19.29 30.01 -25.08
N GLY B 287 18.89 30.40 -23.87
CA GLY B 287 17.85 31.41 -23.75
C GLY B 287 16.48 30.97 -24.23
N LYS B 288 16.21 29.67 -24.24
CA LYS B 288 14.94 29.12 -24.69
C LYS B 288 14.20 28.48 -23.53
N ASP B 289 12.90 28.32 -23.69
CA ASP B 289 12.13 27.63 -22.67
C ASP B 289 12.59 26.18 -22.56
N PRO B 290 12.60 25.60 -21.34
CA PRO B 290 13.05 24.21 -21.20
C PRO B 290 12.39 23.25 -22.17
N LEU B 291 11.11 23.43 -22.47
CA LEU B 291 10.36 22.51 -23.32
C LEU B 291 10.27 22.96 -24.76
N SER B 292 11.08 23.94 -25.17
CA SER B 292 11.08 24.37 -26.56
C SER B 292 11.33 23.20 -27.50
N ASN B 293 10.72 23.27 -28.68
CA ASN B 293 10.93 22.29 -29.72
C ASN B 293 11.93 22.75 -30.77
N ASP B 294 12.59 23.88 -30.55
CA ASP B 294 13.62 24.34 -31.47
C ASP B 294 14.72 23.30 -31.63
N LYS B 295 15.24 23.22 -32.84
CA LYS B 295 16.49 22.51 -33.10
C LYS B 295 17.64 23.42 -32.69
N ILE B 296 18.51 22.94 -31.79
CA ILE B 296 19.70 23.67 -31.39
C ILE B 296 20.94 22.92 -31.89
N SER B 297 21.38 23.24 -33.11
CA SER B 297 22.42 22.44 -33.74
C SER B 297 23.74 22.49 -32.97
N ALA B 298 24.01 23.61 -32.29
CA ALA B 298 25.31 23.80 -31.63
C ALA B 298 25.51 22.89 -30.44
N THR B 299 24.49 22.14 -30.01
CA THR B 299 24.57 21.29 -28.83
C THR B 299 24.37 19.84 -29.26
N VAL B 300 25.41 19.02 -29.08
CA VAL B 300 25.30 17.60 -29.36
C VAL B 300 24.31 16.94 -28.42
N ILE B 301 24.35 17.30 -27.14
CA ILE B 301 23.54 16.62 -26.14
C ILE B 301 22.06 16.97 -26.30
N HIS B 302 21.74 18.26 -26.47
CA HIS B 302 20.34 18.62 -26.65
C HIS B 302 19.76 17.98 -27.90
N THR B 303 20.53 17.97 -29.00
CA THR B 303 20.05 17.35 -30.22
C THR B 303 19.87 15.85 -30.05
N GLY B 304 20.84 15.20 -29.41
CA GLY B 304 20.75 13.75 -29.24
C GLY B 304 19.62 13.34 -28.31
N LEU B 305 19.44 14.07 -27.21
CA LEU B 305 18.32 13.78 -26.32
C LEU B 305 16.99 14.05 -27.00
N SER B 306 16.91 15.15 -27.77
CA SER B 306 15.68 15.42 -28.52
C SER B 306 15.37 14.27 -29.46
N THR B 307 16.41 13.70 -30.08
CA THR B 307 16.20 12.58 -31.01
C THR B 307 15.75 11.33 -30.27
N ILE B 308 16.41 11.00 -29.16
CA ILE B 308 16.03 9.83 -28.38
C ILE B 308 14.59 9.95 -27.90
N LEU B 309 14.22 11.12 -27.39
CA LEU B 309 12.90 11.36 -26.84
C LEU B 309 11.81 11.51 -27.89
N HIS B 310 12.16 11.81 -29.14
CA HIS B 310 11.15 12.21 -30.12
C HIS B 310 10.36 13.41 -29.60
N ALA B 311 11.08 14.36 -29.00
CA ALA B 311 10.44 15.45 -28.27
C ALA B 311 9.59 16.31 -29.18
N ASN B 312 10.03 16.52 -30.43
CA ASN B 312 9.28 17.33 -31.37
C ASN B 312 7.93 16.74 -31.73
N ALA B 313 7.76 15.43 -31.59
CA ALA B 313 6.54 14.76 -32.00
C ALA B 313 5.57 14.49 -30.86
N ASP B 314 6.01 14.61 -29.61
CA ASP B 314 5.22 14.18 -28.47
C ASP B 314 4.43 15.33 -27.84
N CYS B 315 3.29 14.97 -27.26
CA CYS B 315 2.38 15.95 -26.68
C CYS B 315 2.79 16.30 -25.25
N CYS B 316 2.22 17.41 -24.75
CA CYS B 316 2.61 17.91 -23.43
CA CYS B 316 2.59 17.92 -23.43
C CYS B 316 2.17 16.96 -22.31
N GLU B 317 1.10 16.19 -22.52
CA GLU B 317 0.65 15.30 -21.45
C GLU B 317 1.64 14.16 -21.23
N ASP B 318 2.12 13.54 -22.31
CA ASP B 318 3.14 12.51 -22.17
C ASP B 318 4.39 13.06 -21.51
N LYS B 319 4.81 14.26 -21.93
CA LYS B 319 5.99 14.87 -21.33
C LYS B 319 5.78 15.08 -19.84
N GLU B 320 4.61 15.56 -19.45
CA GLU B 320 4.32 15.71 -18.03
C GLU B 320 4.40 14.38 -17.30
N VAL B 321 3.88 13.32 -17.93
CA VAL B 321 3.90 12.01 -17.27
C VAL B 321 5.34 11.56 -17.04
N LEU B 322 6.20 11.72 -18.04
CA LEU B 322 7.58 11.24 -17.92
C LEU B 322 8.35 12.07 -16.90
N ILE B 323 8.19 13.40 -16.97
CA ILE B 323 8.88 14.26 -16.04
C ILE B 323 8.42 13.98 -14.61
N ALA B 324 7.12 13.73 -14.43
CA ALA B 324 6.61 13.43 -13.10
C ALA B 324 7.16 12.10 -12.59
N ALA B 325 7.30 11.11 -13.48
CA ALA B 325 7.92 9.86 -13.05
C ALA B 325 9.34 10.09 -12.55
N ALA B 326 10.12 10.86 -13.31
CA ALA B 326 11.47 11.16 -12.87
C ALA B 326 11.45 11.89 -11.53
N ASN B 327 10.54 12.86 -11.38
CA ASN B 327 10.44 13.60 -10.14
C ASN B 327 10.20 12.66 -8.96
N LYS B 328 9.26 11.72 -9.13
CA LYS B 328 8.96 10.79 -8.04
C LYS B 328 10.17 9.95 -7.65
N PHE B 329 10.86 9.38 -8.64
CA PHE B 329 12.01 8.54 -8.30
C PHE B 329 13.11 9.37 -7.62
N ILE B 330 13.41 10.55 -8.17
CA ILE B 330 14.44 11.41 -7.60
C ILE B 330 14.11 11.74 -6.15
N ARG B 331 12.87 12.17 -5.89
CA ARG B 331 12.47 12.52 -4.54
C ARG B 331 12.58 11.32 -3.61
N HIS B 332 12.14 10.14 -4.06
CA HIS B 332 12.29 8.95 -3.24
C HIS B 332 13.75 8.71 -2.88
N MET B 333 14.68 9.03 -3.78
CA MET B 333 16.09 8.74 -3.52
C MET B 333 16.83 9.81 -2.73
N VAL B 334 16.39 11.07 -2.76
CA VAL B 334 17.15 12.16 -2.15
C VAL B 334 16.43 12.82 -0.98
N ILE B 335 15.14 12.57 -0.78
CA ILE B 335 14.37 13.19 0.30
C ILE B 335 14.16 12.20 1.42
N GLU B 336 14.50 12.61 2.65
CA GLU B 336 14.21 11.83 3.84
C GLU B 336 12.81 12.16 4.34
N ARG B 337 12.05 11.14 4.70
CA ARG B 337 10.73 11.37 5.24
C ARG B 337 10.53 10.52 6.49
N PRO B 338 9.74 11.00 7.44
CA PRO B 338 9.51 10.24 8.69
C PRO B 338 8.77 8.92 8.46
N GLU B 339 9.45 7.81 8.72
CA GLU B 339 8.82 6.50 8.55
C GLU B 339 7.64 6.34 9.52
N GLN B 340 6.76 5.41 9.19
CA GLN B 340 5.55 5.17 9.99
C GLN B 340 5.77 4.13 11.07
N SER B 341 6.46 3.03 10.77
CA SER B 341 6.73 2.00 11.76
C SER B 341 7.94 2.32 12.63
N ASN B 342 8.64 3.43 12.36
CA ASN B 342 9.88 3.80 13.02
C ASN B 342 9.71 5.18 13.65
N LYS B 343 10.71 5.58 14.42
CA LYS B 343 10.79 6.91 15.00
C LYS B 343 12.18 7.51 14.78
N LYS B 344 12.85 7.08 13.72
CA LYS B 344 14.20 7.51 13.40
C LYS B 344 14.26 8.69 12.45
N ILE B 345 13.11 9.28 12.11
CA ILE B 345 13.05 10.46 11.25
C ILE B 345 11.99 11.42 11.78
N THR B 346 12.34 12.71 11.84
CA THR B 346 11.46 13.72 12.43
C THR B 346 10.86 14.67 11.40
N LYS B 347 11.67 15.22 10.50
CA LYS B 347 11.18 16.14 9.47
C LYS B 347 11.76 15.76 8.11
N GLU B 348 11.20 16.38 7.07
CA GLU B 348 11.59 16.08 5.70
C GLU B 348 12.77 16.97 5.27
N SER B 349 13.83 16.32 4.77
CA SER B 349 15.04 17.01 4.38
C SER B 349 15.73 16.21 3.28
N VAL B 350 16.76 16.81 2.68
CA VAL B 350 17.57 16.13 1.67
C VAL B 350 18.63 15.30 2.36
N ARG B 351 18.83 14.08 1.88
CA ARG B 351 19.86 13.21 2.46
C ARG B 351 21.24 13.80 2.24
N GLU B 352 22.02 13.90 3.31
CA GLU B 352 23.37 14.44 3.21
C GLU B 352 24.23 13.64 2.23
N ASN B 353 24.00 12.34 2.13
CA ASN B 353 24.68 11.50 1.14
C ASN B 353 23.61 10.82 0.30
N ASN B 354 23.50 11.23 -0.96
CA ASN B 354 22.53 10.67 -1.89
C ASN B 354 23.23 10.34 -3.21
N MET B 355 22.45 9.81 -4.16
CA MET B 355 23.04 9.29 -5.38
C MET B 355 23.71 10.37 -6.23
N PHE B 356 23.48 11.65 -5.96
CA PHE B 356 24.10 12.74 -6.70
C PHE B 356 25.20 13.44 -5.91
N SER B 357 25.51 12.98 -4.70
CA SER B 357 26.43 13.74 -3.84
C SER B 357 27.81 13.88 -4.46
N ASP B 358 28.24 12.90 -5.24
CA ASP B 358 29.57 12.90 -5.83
C ASP B 358 29.65 13.58 -7.19
N ILE B 359 28.63 14.32 -7.59
CA ILE B 359 28.63 15.03 -8.87
C ILE B 359 29.03 16.48 -8.60
N ALA B 360 30.22 16.86 -9.07
CA ALA B 360 30.74 18.19 -8.79
C ALA B 360 29.82 19.27 -9.31
N GLY B 361 29.42 20.19 -8.41
CA GLY B 361 28.60 21.32 -8.78
C GLY B 361 27.14 21.04 -9.00
N PHE B 362 26.69 19.80 -8.84
CA PHE B 362 25.29 19.48 -9.03
C PHE B 362 24.40 20.28 -8.07
N GLN B 363 23.30 20.82 -8.61
CA GLN B 363 22.35 21.64 -7.86
C GLN B 363 20.99 20.94 -7.79
N LEU B 364 20.80 20.14 -6.73
CA LEU B 364 19.56 19.36 -6.60
C LEU B 364 18.33 20.26 -6.58
N ILE B 365 18.33 21.26 -5.71
CA ILE B 365 17.15 22.13 -5.58
C ILE B 365 16.81 22.79 -6.92
N SER B 366 17.84 23.17 -7.67
CA SER B 366 17.59 23.79 -8.98
C SER B 366 16.94 22.80 -9.93
N VAL B 367 17.33 21.52 -9.85
CA VAL B 367 16.73 20.50 -10.70
C VAL B 367 15.26 20.28 -10.35
N LEU B 368 14.97 20.18 -9.05
CA LEU B 368 13.57 19.94 -8.64
C LEU B 368 12.70 21.15 -8.98
N THR B 369 13.27 22.35 -8.85
CA THR B 369 12.54 23.57 -9.23
C THR B 369 12.26 23.58 -10.72
N LEU B 370 13.29 23.27 -11.53
CA LEU B 370 13.07 23.18 -12.97
C LEU B 370 11.97 22.18 -13.30
N ILE B 371 11.98 21.03 -12.61
CA ILE B 371 10.89 20.06 -12.80
C ILE B 371 9.55 20.73 -12.59
N GLN B 372 9.41 21.48 -11.48
CA GLN B 372 8.15 22.16 -11.22
C GLN B 372 7.78 23.11 -12.36
N ASN B 373 8.76 23.83 -12.90
CA ASN B 373 8.47 24.73 -14.01
C ASN B 373 7.98 23.97 -15.24
N MET B 374 8.59 22.83 -15.53
CA MET B 374 8.21 22.09 -16.74
C MET B 374 6.82 21.47 -16.59
N ILE B 375 6.50 20.97 -15.39
CA ILE B 375 5.15 20.45 -15.16
C ILE B 375 4.13 21.57 -15.30
N LYS B 376 4.42 22.74 -14.71
CA LYS B 376 3.53 23.88 -14.87
C LYS B 376 3.30 24.19 -16.34
N THR B 377 4.38 24.20 -17.13
CA THR B 377 4.25 24.52 -18.55
C THR B 377 3.42 23.48 -19.29
N CYS B 378 3.59 22.19 -18.96
CA CYS B 378 2.80 21.16 -19.62
C CYS B 378 1.32 21.32 -19.31
N ARG B 379 0.95 21.46 -18.04
CA ARG B 379 -0.46 21.63 -17.69
C ARG B 379 -1.04 22.87 -18.38
N THR B 380 -0.29 23.97 -18.39
CA THR B 380 -0.79 25.18 -19.01
C THR B 380 -0.96 25.01 -20.51
N ASP B 381 -0.01 24.35 -21.16
CA ASP B 381 -0.14 24.06 -22.59
C ASP B 381 -1.36 23.20 -22.87
N ALA B 382 -1.59 22.19 -22.02
CA ALA B 382 -2.77 21.33 -22.18
C ALA B 382 -4.05 22.16 -22.14
N ILE B 383 -4.26 22.92 -21.06
CA ILE B 383 -5.51 23.65 -20.95
C ILE B 383 -5.61 24.68 -22.07
N GLU B 384 -4.50 25.28 -22.46
CA GLU B 384 -4.51 26.26 -23.55
C GLU B 384 -4.98 25.62 -24.85
N ALA B 385 -4.50 24.40 -25.12
CA ALA B 385 -4.93 23.69 -26.33
C ALA B 385 -6.40 23.31 -26.25
N CYS B 386 -6.85 22.85 -25.08
CA CYS B 386 -8.26 22.45 -24.95
C CYS B 386 -9.19 23.64 -25.16
N VAL B 387 -8.89 24.78 -24.55
CA VAL B 387 -9.78 25.92 -24.70
C VAL B 387 -9.68 26.52 -26.11
N THR B 388 -8.51 26.43 -26.75
CA THR B 388 -8.43 26.88 -28.13
C THR B 388 -9.29 26.01 -29.04
N LYS B 389 -9.16 24.68 -28.90
CA LYS B 389 -9.93 23.78 -29.74
C LYS B 389 -11.43 23.92 -29.48
N ARG B 390 -11.83 23.91 -28.21
CA ARG B 390 -13.25 24.04 -27.89
C ARG B 390 -13.80 25.39 -28.35
N LYS B 391 -13.00 26.45 -28.22
CA LYS B 391 -13.46 27.76 -28.69
C LYS B 391 -13.67 27.77 -30.20
N GLU B 392 -12.79 27.08 -30.93
CA GLU B 392 -12.97 26.99 -32.39
C GLU B 392 -14.10 26.05 -32.77
N GLU B 393 -14.42 25.07 -31.91
CA GLU B 393 -15.57 24.21 -32.18
C GLU B 393 -16.88 24.97 -32.04
N LEU B 394 -16.98 25.85 -31.04
CA LEU B 394 -18.17 26.66 -30.85
C LEU B 394 -18.21 27.86 -31.79
N GLU B 395 -17.11 28.15 -32.48
CA GLU B 395 -17.08 29.19 -33.51
C GLU B 395 -17.51 28.70 -34.88
N ALA B 396 -17.50 27.38 -35.12
CA ALA B 396 -17.89 26.80 -36.40
C ALA B 396 -19.40 26.61 -36.53
N LEU B 397 -20.20 27.46 -35.89
CA LEU B 397 -21.66 27.42 -36.05
C LEU B 397 -22.29 28.79 -36.26
N LYS B 398 -21.65 29.88 -35.85
CA LYS B 398 -22.20 31.22 -36.04
C LYS B 398 -21.91 31.74 -37.45
P PO4 C . -14.73 -39.72 -6.10
O1 PO4 C . -15.93 -39.20 -6.85
O2 PO4 C . -13.68 -38.64 -5.99
O3 PO4 C . -14.15 -40.91 -6.81
O4 PO4 C . -15.14 -40.14 -4.72
P PO4 D . -0.06 -22.19 41.89
O1 PO4 D . -0.80 -21.66 40.66
O2 PO4 D . 1.30 -21.53 41.98
O3 PO4 D . 0.11 -23.68 41.77
O4 PO4 D . -0.87 -21.86 43.13
CAC FLC E . -8.20 -10.69 4.30
CA FLC E . -7.01 -10.34 3.41
CB FLC E . -7.38 -9.19 2.47
CBC FLC E . -7.18 -7.84 3.16
CG FLC E . -6.50 -9.25 1.22
CGC FLC E . -7.10 -8.36 0.14
OA1 FLC E . -9.29 -10.07 4.18
OA2 FLC E . -8.09 -11.61 5.16
OB1 FLC E . -7.69 -6.80 2.67
OB2 FLC E . -6.51 -7.75 4.23
OG1 FLC E . -8.29 -7.97 0.23
OG2 FLC E . -6.40 -8.03 -0.86
OHB FLC E . -8.72 -9.33 2.10
HA1 FLC E . -6.27 -10.08 3.96
HA2 FLC E . -6.77 -11.13 2.88
HG1 FLC E . -5.61 -8.93 1.44
HG2 FLC E . -6.44 -10.17 0.91
HOB FLC E . -8.86 -10.13 1.86
C1 GOL F . 1.31 -4.97 41.42
O1 GOL F . 1.71 -6.30 41.17
C2 GOL F . 0.09 -4.98 42.35
O2 GOL F . 0.03 -6.21 43.05
C3 GOL F . 0.12 -3.82 43.35
O3 GOL F . 1.39 -3.72 43.97
H11 GOL F . 2.12 -4.41 41.89
H12 GOL F . 1.04 -4.48 40.48
HO1 GOL F . 2.45 -6.29 40.52
H2 GOL F . -0.81 -4.87 41.74
HO2 GOL F . 0.81 -6.30 43.63
H31 GOL F . -0.10 -2.89 42.82
H32 GOL F . -0.65 -3.97 44.10
HO3 GOL F . 1.67 -2.78 43.98
P PO4 G . 27.25 20.22 -26.14
O1 PO4 G . 27.55 20.05 -27.61
O2 PO4 G . 25.99 19.46 -25.79
O3 PO4 G . 27.06 21.69 -25.85
O4 PO4 G . 28.38 19.68 -25.30
CAC FLC H . 9.15 9.73 -36.01
CA FLC H . 8.13 8.60 -36.17
CB FLC H . 7.29 8.43 -34.89
CBC FLC H . 6.41 9.65 -34.69
CG FLC H . 6.41 7.20 -35.05
CGC FLC H . 5.89 6.76 -33.69
OA1 FLC H . 8.85 10.80 -35.42
OA2 FLC H . 10.31 9.58 -36.48
OB1 FLC H . 5.61 10.01 -35.59
OB2 FLC H . 6.50 10.31 -33.62
OG1 FLC H . 5.10 7.51 -33.06
OG2 FLC H . 6.25 5.65 -33.22
OHB FLC H . 8.12 8.27 -33.77
HA1 FLC H . 7.54 8.80 -36.91
HA2 FLC H . 8.60 7.77 -36.35
HG1 FLC H . 5.67 7.41 -35.64
HG2 FLC H . 6.94 6.47 -35.45
HOB FLC H . 8.53 7.53 -33.83
C1 GOL I . 24.51 3.06 -17.84
O1 GOL I . 23.56 2.02 -17.97
C2 GOL I . 25.08 3.46 -19.20
O2 GOL I . 24.03 3.55 -20.14
C3 GOL I . 25.79 4.80 -19.07
O3 GOL I . 26.62 5.05 -20.19
H11 GOL I . 24.04 3.92 -17.37
H12 GOL I . 25.32 2.73 -17.19
HO1 GOL I . 23.26 1.74 -17.08
H2 GOL I . 25.79 2.71 -19.51
HO2 GOL I . 23.39 4.23 -19.86
H31 GOL I . 25.05 5.60 -18.98
H32 GOL I . 26.39 4.81 -18.17
HO3 GOL I . 27.36 5.62 -19.93
#